data_8IZB
#
_entry.id   8IZB
#
_cell.length_a   1.00
_cell.length_b   1.00
_cell.length_c   1.00
_cell.angle_alpha   90.00
_cell.angle_beta   90.00
_cell.angle_gamma   90.00
#
_symmetry.space_group_name_H-M   'P 1'
#
loop_
_entity.id
_entity.type
_entity.pdbx_description
1 polymer 'Guanine nucleotide-binding protein G(s) subunit alpha isoforms short'
2 polymer 'Guanine nucleotide-binding protein G(I)/G(S)/G(T) subunit beta-1'
3 polymer 'Guanine nucleotide-binding protein G(I)/G(S)/G(O) subunit gamma-2'
4 polymer Nanobody35
5 polymer 'Probable G-protein coupled receptor 174'
6 non-polymer '[(2R)-2-oxidanyl-3-phosphonooxy-propyl] (Z)-octadec-9-enoate'
7 non-polymer SERINE
8 non-polymer CHOLESTEROL
#
loop_
_entity_poly.entity_id
_entity_poly.type
_entity_poly.pdbx_seq_one_letter_code
_entity_poly.pdbx_strand_id
1 'polypeptide(L)'
;MGCLGNSKTEDQRNEEKAQREANKMIEKQLQKDKQVYRATHRLLLLGADNSGKSTIVKQMRIYHVNSGIFETKFQVDKVN
FHMFDVGAQRDERRKWIQCFNDVTAIIFVVDSSDYNRLQEALNDFKSIWNNRWLRTISVILFLNKQDLLAEKVLAGKSKI
EDYFPEFARYTTPEDATPEPGEDPRVTRAKYFIRDEFLRISTASGDGRHYCYPHFTCSVDTENARRIFNDCRDIIQRMHL
RQYELL
;
A
2 'polypeptide(L)'
;MHHHHHHGSSGSELDQLRQEAEQLKNQIRDARKACADATLSQITNNIDPVGRIQMRTRRTLRGHLAKIYAMHWGTDSRLL
VSASQDGKLIIWDSYTTNKVHAIPLRSSWVMTCAYAPSGNYVACGGLDNICSIYNLKTREGNVRVSRELAGHTGYLSCCR
FLDDNQIVTSSGDTTCALWDIETGQQTTTFTGHTGDVMSLSLAPDTRLFVSGACDASAKLWDVREGMCRQTFTGHESDIN
AICFFPNGNAFATGSDDATCRLFDLRADQELMTYSHDNIICGITSVSFSKSGRLLLAGYDDFNCNVWDALKADRAGVLAG
HDNRVSCLGVTDDGMAVATGSWDSFLKIWNGSSGGGGSGGGGSSGVSGWRLFKKIS
;
B
3 'polypeptide(L)' MASNNTASIAQARKLVEQLKMEANIDRIKVSKAAADLMAYCEAHAKEDPLLTPVPASENPFREKKFFCAIL C
4 'polypeptide(L)'
;QVQLQESGGGLVQPGGSLRLSCAASGFTFSNYKMNWVRQAPGKGLEWVSDISQSGASISYTGSVKGRFTISRDNAKNTLY
LQMNSLKPEDTAVYYCARCPAPFTRDCFDVTSTTYAYRGQGTQVTVSSHHHHHHEPEA
;
N
5 'polypeptide(L)'
;DYKDDDDHHHHHHHHGQPGNGSAFLLAPNGSHAPDHNVTQQRDEGGSGQPGNGSAFLLAPNGSHAPDHNVTQQRDEENLY
FQGVDMPANYTCTRPDGDNTDFRYFIYAVTYTVILVPGLIGNILALWVFYGYMKETKRAVIFMINLAIADLLQVLSLPLR
IFYYLNHDWPFGPGLCMFCFYLKYVNMYASIYFLVCISVRRFWFLMYPFRFHDCKQKYDLYISIAGWLIICLACVLFPLL
RTSDDTSGNRTKCFVDLPTRNVNLAQSVVMMTIGELIGFVTPLLIVLYCTWKTVLSLQDKYPMAQDLGEKQKALKMILTC
AGVFLICFAPYHFSFPLDFLVKSNEIKSCLARRVILIFHSVALCLASLNSCLDPVIYYFSTNEFRRRLSRQDLHMGSSGG
GGSGGGGSSGVFTLEDFVGDWEQTAAYNLDQVLEQGGVSSLLQNLAVSVTPIQRIVRSGENALKIDIHVIIPYEGLSADQ
MAQIEEVFKVVYPVDDHHFKVILPYGTLVIDGVTPNMLNYFGRPYEGIAVFDGKKITVTGTLWNGNKIIDERLITPDGSM
LFRVTINS
;
R
#
# COMPACT_ATOMS: atom_id res chain seq x y z
N THR A 9 -29.30 -33.99 -13.64
CA THR A 9 -28.19 -33.26 -13.04
C THR A 9 -28.13 -33.48 -11.53
N GLU A 10 -28.76 -34.56 -11.07
CA GLU A 10 -28.75 -34.88 -9.65
C GLU A 10 -27.35 -35.18 -9.15
N ASP A 11 -26.56 -35.92 -9.95
CA ASP A 11 -25.19 -36.21 -9.56
C ASP A 11 -24.36 -34.93 -9.48
N GLN A 12 -24.54 -34.02 -10.43
CA GLN A 12 -23.82 -32.76 -10.41
C GLN A 12 -24.33 -31.83 -9.31
N ARG A 13 -25.60 -31.97 -8.92
CA ARG A 13 -26.18 -31.08 -7.92
C ARG A 13 -25.49 -31.26 -6.56
N ASN A 14 -25.24 -32.50 -6.15
CA ASN A 14 -24.57 -32.75 -4.88
C ASN A 14 -23.08 -32.45 -4.94
N GLU A 15 -22.48 -32.45 -6.14
CA GLU A 15 -21.07 -32.10 -6.25
C GLU A 15 -20.84 -30.65 -5.86
N GLU A 16 -21.73 -29.75 -6.27
CA GLU A 16 -21.61 -28.35 -5.88
C GLU A 16 -21.79 -28.18 -4.37
N LYS A 17 -22.69 -28.95 -3.77
CA LYS A 17 -22.89 -28.88 -2.32
C LYS A 17 -21.64 -29.34 -1.58
N ALA A 18 -20.99 -30.40 -2.07
CA ALA A 18 -19.76 -30.86 -1.44
C ALA A 18 -18.65 -29.81 -1.55
N GLN A 19 -18.54 -29.17 -2.72
CA GLN A 19 -17.56 -28.09 -2.86
C GLN A 19 -17.91 -26.90 -1.98
N ARG A 20 -19.21 -26.59 -1.86
CA ARG A 20 -19.62 -25.47 -1.03
C ARG A 20 -19.42 -25.77 0.45
N GLU A 21 -19.58 -27.03 0.86
CA GLU A 21 -19.34 -27.40 2.25
C GLU A 21 -17.86 -27.30 2.59
N ALA A 22 -16.99 -27.69 1.66
CA ALA A 22 -15.56 -27.54 1.87
C ALA A 22 -15.14 -26.08 1.93
N ASN A 23 -15.86 -25.21 1.22
CA ASN A 23 -15.55 -23.78 1.27
C ASN A 23 -15.78 -23.22 2.67
N LYS A 24 -16.85 -23.67 3.33
CA LYS A 24 -17.16 -23.18 4.68
C LYS A 24 -16.10 -23.62 5.68
N MET A 25 -15.57 -24.84 5.52
CA MET A 25 -14.51 -25.32 6.40
C MET A 25 -13.27 -24.46 6.25
N ILE A 26 -12.93 -24.07 5.02
CA ILE A 26 -11.80 -23.18 4.79
C ILE A 26 -12.08 -21.81 5.40
N GLU A 27 -13.30 -21.29 5.24
CA GLU A 27 -13.63 -19.98 5.77
C GLU A 27 -13.55 -19.95 7.30
N LYS A 28 -13.95 -21.04 7.95
CA LYS A 28 -13.82 -21.12 9.40
C LYS A 28 -12.36 -21.08 9.82
N GLN A 29 -11.49 -21.78 9.10
CA GLN A 29 -10.06 -21.75 9.41
C GLN A 29 -9.46 -20.38 9.13
N LEU A 30 -9.91 -19.71 8.07
CA LEU A 30 -9.40 -18.38 7.75
C LEU A 30 -9.76 -17.38 8.83
N GLN A 31 -10.97 -17.48 9.39
CA GLN A 31 -11.36 -16.58 10.47
C GLN A 31 -10.50 -16.78 11.71
N LYS A 32 -10.17 -18.04 12.02
CA LYS A 32 -9.27 -18.31 13.14
C LYS A 32 -7.88 -17.75 12.88
N ASP A 33 -7.39 -17.89 11.64
CA ASP A 33 -6.10 -17.33 11.28
C ASP A 33 -6.13 -15.81 11.22
N LYS A 34 -7.27 -15.23 10.82
CA LYS A 34 -7.39 -13.78 10.78
C LYS A 34 -7.26 -13.17 12.16
N GLN A 35 -7.78 -13.85 13.19
CA GLN A 35 -7.67 -13.34 14.55
C GLN A 35 -6.21 -13.31 15.00
N VAL A 36 -5.44 -14.36 14.69
CA VAL A 36 -4.04 -14.39 15.06
C VAL A 36 -3.23 -13.40 14.25
N TYR A 37 -3.55 -13.26 12.96
CA TYR A 37 -2.77 -12.38 12.09
C TYR A 37 -2.87 -10.92 12.54
N ARG A 38 -4.07 -10.49 12.91
CA ARG A 38 -4.27 -9.09 13.31
C ARG A 38 -3.96 -8.85 14.78
N ALA A 39 -3.78 -9.89 15.58
CA ALA A 39 -3.34 -9.74 16.96
C ALA A 39 -1.83 -9.70 17.09
N THR A 40 -1.10 -9.87 16.00
CA THR A 40 0.36 -9.81 15.99
C THR A 40 0.80 -8.63 15.15
N HIS A 41 1.72 -7.84 15.68
CA HIS A 41 2.23 -6.64 15.02
C HIS A 41 3.63 -6.95 14.48
N ARG A 42 3.81 -6.73 13.18
CA ARG A 42 5.04 -7.09 12.49
C ARG A 42 5.93 -5.86 12.36
N LEU A 43 7.21 -6.03 12.68
CA LEU A 43 8.18 -4.95 12.65
C LEU A 43 9.35 -5.34 11.75
N LEU A 44 9.84 -4.37 10.99
CA LEU A 44 11.01 -4.56 10.14
C LEU A 44 12.24 -3.97 10.83
N LEU A 45 13.24 -4.82 11.07
CA LEU A 45 14.47 -4.42 11.74
C LEU A 45 15.51 -4.08 10.69
N LEU A 46 16.04 -2.85 10.75
CA LEU A 46 17.01 -2.38 9.77
C LEU A 46 18.20 -1.75 10.51
N GLY A 47 19.29 -1.58 9.77
CA GLY A 47 20.51 -1.03 10.32
C GLY A 47 21.72 -1.75 9.74
N ALA A 48 22.88 -1.11 9.87
CA ALA A 48 24.10 -1.66 9.32
C ALA A 48 24.67 -2.73 10.24
N ASP A 49 25.76 -3.35 9.81
CA ASP A 49 26.37 -4.43 10.60
C ASP A 49 26.99 -3.91 11.88
N ASN A 50 27.59 -2.71 11.84
CA ASN A 50 28.21 -2.15 13.04
C ASN A 50 27.18 -1.82 14.11
N SER A 51 25.94 -1.55 13.71
CA SER A 51 24.88 -1.33 14.68
C SER A 51 24.53 -2.62 15.39
N GLY A 52 24.16 -2.49 16.66
CA GLY A 52 23.80 -3.65 17.46
C GLY A 52 22.31 -3.97 17.39
N LYS A 53 21.78 -4.06 16.18
CA LYS A 53 20.34 -4.28 16.02
C LYS A 53 19.92 -5.67 16.47
N SER A 54 20.83 -6.64 16.42
CA SER A 54 20.49 -8.00 16.83
C SER A 54 20.26 -8.13 18.33
N THR A 55 20.68 -7.14 19.12
CA THR A 55 20.58 -7.20 20.57
C THR A 55 19.76 -6.04 21.12
N ILE A 56 18.84 -5.50 20.31
CA ILE A 56 18.00 -4.40 20.77
C ILE A 56 17.03 -4.88 21.84
N VAL A 57 16.33 -5.99 21.57
CA VAL A 57 15.32 -6.53 22.47
C VAL A 57 15.95 -7.64 23.31
N LYS A 58 15.84 -7.51 24.62
CA LYS A 58 16.39 -8.51 25.54
C LYS A 58 15.34 -9.56 25.89
N ILE A 62 11.50 -14.86 22.40
CA ILE A 62 11.71 -16.05 21.57
C ILE A 62 12.40 -15.67 20.27
N TYR A 63 13.63 -16.14 20.09
CA TYR A 63 14.43 -15.86 18.91
C TYR A 63 14.50 -17.09 18.04
N HIS A 64 14.20 -16.93 16.75
CA HIS A 64 14.18 -18.03 15.80
C HIS A 64 14.78 -17.57 14.48
N VAL A 65 15.38 -18.51 13.76
CA VAL A 65 15.98 -18.27 12.46
C VAL A 65 15.22 -19.12 11.45
N ASN A 66 14.36 -18.47 10.66
CA ASN A 66 13.57 -19.16 9.64
C ASN A 66 14.15 -18.80 8.29
N SER A 67 14.74 -19.80 7.62
CA SER A 67 15.38 -19.64 6.31
C SER A 67 16.46 -18.56 6.45
N GLY A 68 16.47 -17.52 5.63
CA GLY A 68 17.46 -16.48 5.75
C GLY A 68 16.96 -15.25 6.48
N ILE A 69 15.87 -15.41 7.23
CA ILE A 69 15.24 -14.29 7.94
C ILE A 69 15.31 -14.58 9.44
N PHE A 70 15.84 -13.64 10.19
CA PHE A 70 15.95 -13.77 11.64
C PHE A 70 14.68 -13.21 12.28
N GLU A 71 13.85 -14.10 12.81
CA GLU A 71 12.58 -13.72 13.41
C GLU A 71 12.74 -13.59 14.93
N THR A 72 12.28 -12.47 15.47
CA THR A 72 12.28 -12.22 16.90
C THR A 72 10.87 -11.94 17.37
N LYS A 73 10.38 -12.73 18.31
CA LYS A 73 9.02 -12.60 18.84
C LYS A 73 9.09 -12.31 20.33
N PHE A 74 8.44 -11.21 20.74
CA PHE A 74 8.37 -10.84 22.15
C PHE A 74 6.98 -10.31 22.45
N GLN A 75 6.61 -10.39 23.73
CA GLN A 75 5.27 -10.01 24.18
C GLN A 75 5.40 -8.93 25.25
N VAL A 76 4.73 -7.80 25.04
CA VAL A 76 4.71 -6.69 25.98
C VAL A 76 3.26 -6.38 26.30
N ASP A 77 2.90 -6.50 27.59
CA ASP A 77 1.54 -6.24 28.06
C ASP A 77 0.50 -7.05 27.27
N LYS A 78 0.80 -8.33 27.08
CA LYS A 78 -0.09 -9.27 26.38
C LYS A 78 -0.35 -8.85 24.94
N VAL A 79 0.60 -8.13 24.34
CA VAL A 79 0.56 -7.78 22.93
C VAL A 79 1.75 -8.42 22.25
N ASN A 80 1.51 -9.15 21.16
CA ASN A 80 2.55 -9.91 20.49
C ASN A 80 3.16 -9.08 19.37
N PHE A 81 4.49 -8.96 19.39
CA PHE A 81 5.25 -8.30 18.34
C PHE A 81 6.15 -9.33 17.65
N HIS A 82 6.16 -9.29 16.32
CA HIS A 82 6.98 -10.20 15.52
C HIS A 82 7.93 -9.37 14.67
N MET A 83 9.18 -9.26 15.12
CA MET A 83 10.18 -8.43 14.47
C MET A 83 11.00 -9.29 13.52
N PHE A 84 11.13 -8.84 12.27
CA PHE A 84 11.81 -9.59 11.22
C PHE A 84 13.10 -8.89 10.84
N ASP A 85 14.18 -9.65 10.76
CA ASP A 85 15.46 -9.17 10.28
C ASP A 85 15.86 -9.98 9.05
N VAL A 86 16.21 -9.28 7.97
CA VAL A 86 16.52 -9.90 6.70
C VAL A 86 18.03 -9.91 6.54
N GLY A 87 18.62 -11.11 6.54
CA GLY A 87 20.06 -11.23 6.48
C GLY A 87 20.61 -11.77 5.18
N ALA A 88 19.92 -12.74 4.59
CA ALA A 88 20.45 -13.46 3.43
C ALA A 88 19.95 -12.86 2.12
N GLN A 89 20.33 -11.61 1.88
CA GLN A 89 20.00 -10.91 0.65
C GLN A 89 21.20 -10.08 0.21
N ARG A 90 21.19 -9.68 -1.05
CA ARG A 90 22.26 -8.86 -1.59
C ARG A 90 22.14 -7.43 -1.07
N ASP A 91 23.17 -6.63 -1.34
CA ASP A 91 23.19 -5.24 -0.89
C ASP A 91 22.14 -4.39 -1.60
N GLU A 92 21.63 -4.82 -2.75
CA GLU A 92 20.56 -4.11 -3.43
C GLU A 92 19.23 -4.55 -2.84
N ARG A 93 18.49 -3.59 -2.25
CA ARG A 93 17.28 -3.91 -1.50
C ARG A 93 16.11 -3.02 -1.90
N ARG A 94 16.11 -2.54 -3.14
CA ARG A 94 15.03 -1.68 -3.61
C ARG A 94 13.81 -2.44 -4.09
N LYS A 95 13.86 -3.77 -4.10
CA LYS A 95 12.74 -4.60 -4.54
C LYS A 95 12.07 -5.37 -3.42
N TRP A 96 12.84 -6.09 -2.61
CA TRP A 96 12.25 -6.85 -1.51
C TRP A 96 11.86 -5.97 -0.32
N ILE A 97 12.27 -4.70 -0.31
CA ILE A 97 11.82 -3.79 0.74
C ILE A 97 10.33 -3.50 0.61
N GLN A 98 9.75 -3.72 -0.57
CA GLN A 98 8.32 -3.51 -0.76
C GLN A 98 7.47 -4.56 -0.05
N CYS A 99 8.08 -5.69 0.33
CA CYS A 99 7.34 -6.72 1.05
C CYS A 99 6.92 -6.26 2.44
N PHE A 100 7.56 -5.22 2.98
CA PHE A 100 7.29 -4.71 4.32
C PHE A 100 6.55 -3.37 4.26
N ASN A 101 5.67 -3.21 3.28
CA ASN A 101 4.92 -1.96 3.15
C ASN A 101 3.72 -1.90 4.08
N ASP A 102 3.38 -2.99 4.75
CA ASP A 102 2.22 -3.05 5.64
C ASP A 102 2.61 -3.40 7.07
N VAL A 103 3.89 -3.24 7.42
CA VAL A 103 4.31 -3.46 8.80
C VAL A 103 3.82 -2.31 9.68
N THR A 104 3.72 -2.60 10.98
CA THR A 104 3.29 -1.58 11.93
C THR A 104 4.31 -0.44 12.02
N ALA A 105 5.59 -0.79 12.10
CA ALA A 105 6.65 0.21 12.19
C ALA A 105 7.96 -0.39 11.71
N ILE A 106 8.91 0.49 11.41
CA ILE A 106 10.27 0.10 11.03
C ILE A 106 11.20 0.43 12.18
N ILE A 107 11.99 -0.56 12.61
CA ILE A 107 12.98 -0.37 13.66
C ILE A 107 14.32 -0.07 12.97
N PHE A 108 14.81 1.15 13.15
CA PHE A 108 16.06 1.60 12.55
C PHE A 108 17.09 1.82 13.65
N VAL A 109 18.24 1.17 13.53
CA VAL A 109 19.29 1.20 14.54
C VAL A 109 20.54 1.81 13.93
N VAL A 110 21.11 2.81 14.60
CA VAL A 110 22.26 3.56 14.10
C VAL A 110 23.35 3.54 15.15
N ASP A 111 24.60 3.36 14.71
CA ASP A 111 25.77 3.45 15.58
C ASP A 111 26.16 4.92 15.70
N SER A 112 25.81 5.54 16.83
CA SER A 112 26.07 6.97 17.01
C SER A 112 27.57 7.25 17.09
N SER A 113 28.33 6.36 17.73
CA SER A 113 29.75 6.60 17.94
C SER A 113 30.55 6.44 16.65
N ASP A 114 30.01 5.77 15.65
CA ASP A 114 30.71 5.55 14.39
C ASP A 114 30.53 6.78 13.51
N TYR A 115 31.50 7.70 13.56
CA TYR A 115 31.39 8.93 12.79
C TYR A 115 31.64 8.70 11.29
N ASN A 116 32.51 7.74 10.96
CA ASN A 116 32.84 7.50 9.56
C ASN A 116 31.62 7.01 8.77
N ARG A 117 30.82 6.13 9.37
CA ARG A 117 29.66 5.56 8.71
C ARG A 117 28.35 6.24 9.11
N LEU A 118 28.43 7.38 9.81
CA LEU A 118 27.22 8.06 10.23
C LEU A 118 26.49 8.69 9.05
N GLN A 119 27.24 9.18 8.07
CA GLN A 119 26.61 9.78 6.89
C GLN A 119 25.89 8.72 6.06
N GLU A 120 26.46 7.50 6.00
CA GLU A 120 25.80 6.42 5.27
C GLU A 120 24.48 6.04 5.92
N ALA A 121 24.43 6.06 7.26
CA ALA A 121 23.18 5.78 7.96
C ALA A 121 22.13 6.83 7.65
N LEU A 122 22.55 8.09 7.54
CA LEU A 122 21.61 9.15 7.16
C LEU A 122 21.06 8.92 5.76
N ASN A 123 21.92 8.50 4.83
CA ASN A 123 21.48 8.22 3.47
C ASN A 123 20.53 7.03 3.43
N ASP A 124 20.81 6.01 4.23
CA ASP A 124 19.89 4.87 4.34
C ASP A 124 18.54 5.31 4.89
N PHE A 125 18.56 6.15 5.94
CA PHE A 125 17.32 6.65 6.52
C PHE A 125 16.56 7.52 5.52
N LYS A 126 17.28 8.34 4.75
CA LYS A 126 16.63 9.24 3.80
C LYS A 126 15.89 8.46 2.71
N SER A 127 16.50 7.39 2.20
CA SER A 127 15.86 6.61 1.15
C SER A 127 14.67 5.83 1.68
N ILE A 128 14.81 5.21 2.85
CA ILE A 128 13.70 4.46 3.44
C ILE A 128 12.55 5.40 3.80
N TRP A 129 12.86 6.58 4.32
CA TRP A 129 11.83 7.54 4.69
C TRP A 129 11.07 8.03 3.47
N ASN A 130 11.76 8.24 2.35
CA ASN A 130 11.16 8.80 1.15
C ASN A 130 10.73 7.76 0.13
N ASN A 131 10.83 6.47 0.48
CA ASN A 131 10.38 5.42 -0.44
C ASN A 131 8.88 5.52 -0.64
N ARG A 132 8.45 5.35 -1.90
CA ARG A 132 7.04 5.54 -2.24
C ARG A 132 6.14 4.52 -1.55
N TRP A 133 6.64 3.32 -1.30
CA TRP A 133 5.86 2.29 -0.63
C TRP A 133 6.04 2.30 0.88
N LEU A 134 6.87 3.20 1.41
CA LEU A 134 7.07 3.34 2.84
C LEU A 134 6.67 4.71 3.36
N ARG A 135 5.93 5.49 2.57
CA ARG A 135 5.52 6.83 2.97
C ARG A 135 4.55 6.82 4.15
N THR A 136 3.86 5.70 4.40
CA THR A 136 2.83 5.64 5.43
C THR A 136 3.25 4.78 6.61
N ILE A 137 4.54 4.50 6.75
CA ILE A 137 5.06 3.66 7.82
C ILE A 137 5.93 4.51 8.73
N SER A 138 5.60 4.55 10.01
CA SER A 138 6.42 5.27 10.97
C SER A 138 7.70 4.50 11.24
N VAL A 139 8.73 5.22 11.68
CA VAL A 139 10.05 4.65 11.94
C VAL A 139 10.40 4.91 13.41
N ILE A 140 10.79 3.85 14.11
CA ILE A 140 11.31 3.96 15.47
C ILE A 140 12.83 3.95 15.38
N LEU A 141 13.45 5.06 15.72
CA LEU A 141 14.88 5.26 15.54
C LEU A 141 15.60 5.00 16.87
N PHE A 142 16.52 4.05 16.88
CA PHE A 142 17.34 3.74 18.04
C PHE A 142 18.77 4.18 17.75
N LEU A 143 19.21 5.25 18.43
CA LEU A 143 20.59 5.71 18.32
C LEU A 143 21.45 4.92 19.29
N ASN A 144 21.83 3.72 18.85
CA ASN A 144 22.46 2.75 19.73
C ASN A 144 23.90 3.15 20.05
N LYS A 145 24.46 2.48 21.05
CA LYS A 145 25.87 2.64 21.46
C LYS A 145 26.14 4.09 21.90
N GLN A 146 25.37 4.53 22.89
CA GLN A 146 25.56 5.87 23.45
C GLN A 146 26.76 5.93 24.38
N ASP A 147 27.08 4.83 25.07
CA ASP A 147 28.24 4.81 25.95
C ASP A 147 29.53 4.98 25.16
N LEU A 148 29.63 4.37 23.98
CA LEU A 148 30.78 4.58 23.13
C LEU A 148 30.84 6.01 22.61
N LEU A 149 29.68 6.63 22.35
CA LEU A 149 29.65 8.02 21.92
C LEU A 149 30.17 8.94 23.01
N ALA A 150 29.80 8.68 24.26
CA ALA A 150 30.25 9.52 25.37
C ALA A 150 31.77 9.43 25.54
N GLU A 151 32.33 8.22 25.46
CA GLU A 151 33.77 8.06 25.59
C GLU A 151 34.51 8.75 24.45
N LYS A 152 33.98 8.65 23.22
CA LYS A 152 34.65 9.24 22.07
C LYS A 152 34.67 10.77 22.16
N VAL A 153 33.58 11.37 22.64
CA VAL A 153 33.54 12.83 22.78
C VAL A 153 34.45 13.27 23.91
N LEU A 154 34.43 12.57 25.04
CA LEU A 154 35.26 12.96 26.18
C LEU A 154 36.75 12.82 25.85
N ALA A 155 37.11 11.78 25.11
CA ALA A 155 38.52 11.58 24.75
C ALA A 155 39.05 12.72 23.89
N GLY A 156 38.25 13.18 22.93
CA GLY A 156 38.64 14.27 22.06
C GLY A 156 39.53 13.89 20.90
N LYS A 157 39.83 12.60 20.74
CA LYS A 157 40.69 12.19 19.62
C LYS A 157 40.03 12.46 18.28
N SER A 158 38.72 12.21 18.17
CA SER A 158 37.99 12.42 16.94
C SER A 158 36.99 13.55 17.14
N LYS A 159 36.92 14.47 16.17
CA LYS A 159 36.04 15.62 16.23
C LYS A 159 34.88 15.44 15.25
N ILE A 160 33.66 15.65 15.73
CA ILE A 160 32.49 15.52 14.88
C ILE A 160 32.49 16.58 13.79
N GLU A 161 32.98 17.79 14.10
CA GLU A 161 33.00 18.86 13.11
C GLU A 161 33.87 18.52 11.91
N ASP A 162 34.78 17.56 12.04
CA ASP A 162 35.55 17.11 10.89
C ASP A 162 34.66 16.45 9.85
N TYR A 163 33.69 15.66 10.30
CA TYR A 163 32.78 14.96 9.39
C TYR A 163 31.53 15.78 9.07
N PHE A 164 31.02 16.55 10.01
CA PHE A 164 29.85 17.40 9.81
C PHE A 164 30.18 18.84 10.15
N PRO A 165 30.38 19.70 9.16
CA PRO A 165 30.74 21.11 9.46
C PRO A 165 29.66 21.86 10.21
N GLU A 166 28.41 21.40 10.16
CA GLU A 166 27.32 22.09 10.84
C GLU A 166 27.45 22.03 12.36
N PHE A 167 28.23 21.09 12.89
CA PHE A 167 28.38 20.95 14.33
C PHE A 167 29.13 22.13 14.95
N ALA A 168 29.87 22.89 14.14
CA ALA A 168 30.61 24.04 14.67
C ALA A 168 29.66 25.10 15.22
N ARG A 169 28.54 25.33 14.54
CA ARG A 169 27.58 26.37 14.91
C ARG A 169 26.24 25.75 15.29
N TYR A 170 26.28 24.67 16.07
CA TYR A 170 25.08 24.00 16.55
C TYR A 170 24.97 24.16 18.06
N THR A 171 23.76 24.44 18.54
CA THR A 171 23.49 24.64 19.95
C THR A 171 22.50 23.60 20.44
N THR A 172 22.66 23.21 21.70
CA THR A 172 21.79 22.20 22.30
C THR A 172 20.36 22.71 22.34
N PRO A 173 19.37 21.92 21.91
CA PRO A 173 17.98 22.38 21.95
C PRO A 173 17.51 22.65 23.37
N GLU A 174 16.60 23.62 23.50
CA GLU A 174 16.05 23.95 24.80
C GLU A 174 15.19 22.82 25.36
N ASP A 175 14.64 21.97 24.48
CA ASP A 175 13.81 20.87 24.91
C ASP A 175 14.61 19.62 25.28
N ALA A 176 15.93 19.67 25.18
CA ALA A 176 16.76 18.51 25.52
C ALA A 176 16.62 18.19 27.00
N THR A 177 16.67 16.90 27.32
CA THR A 177 16.58 16.41 28.70
C THR A 177 17.77 15.50 28.97
N PRO A 178 18.95 16.08 29.20
CA PRO A 178 20.12 15.24 29.46
C PRO A 178 20.02 14.51 30.78
N GLU A 179 20.63 13.32 30.82
CA GLU A 179 20.63 12.52 32.03
C GLU A 179 21.48 13.22 33.11
N PRO A 180 21.15 12.99 34.38
CA PRO A 180 21.94 13.60 35.46
C PRO A 180 23.39 13.14 35.42
N GLY A 181 24.29 14.05 35.75
CA GLY A 181 25.71 13.76 35.73
C GLY A 181 26.26 13.47 34.34
N GLU A 182 25.86 14.25 33.35
CA GLU A 182 26.30 14.08 31.97
C GLU A 182 27.07 15.31 31.52
N ASP A 183 28.17 15.09 30.82
CA ASP A 183 28.98 16.19 30.34
C ASP A 183 28.20 17.01 29.32
N PRO A 184 28.25 18.34 29.41
CA PRO A 184 27.53 19.17 28.43
C PRO A 184 27.99 18.94 26.99
N ARG A 185 29.27 18.61 26.78
CA ARG A 185 29.74 18.31 25.43
C ARG A 185 29.10 17.04 24.88
N VAL A 186 28.91 16.04 25.73
CA VAL A 186 28.36 14.77 25.27
C VAL A 186 26.91 14.94 24.82
N THR A 187 26.10 15.62 25.63
CA THR A 187 24.71 15.83 25.25
C THR A 187 24.56 16.86 24.13
N ARG A 188 25.55 17.74 23.97
CA ARG A 188 25.55 18.64 22.81
C ARG A 188 25.67 17.85 21.52
N ALA A 189 26.55 16.84 21.51
CA ALA A 189 26.72 16.01 20.32
C ALA A 189 25.69 14.90 20.23
N LYS A 190 25.19 14.44 21.38
CA LYS A 190 24.18 13.39 21.38
C LYS A 190 22.91 13.83 20.68
N TYR A 191 22.47 15.07 20.93
CA TYR A 191 21.28 15.60 20.29
C TYR A 191 21.54 16.15 18.89
N PHE A 192 22.81 16.36 18.52
CA PHE A 192 23.12 16.78 17.15
C PHE A 192 22.83 15.67 16.16
N ILE A 193 23.26 14.44 16.50
CA ILE A 193 23.01 13.30 15.61
C ILE A 193 21.51 13.02 15.50
N ARG A 194 20.78 13.20 16.60
CA ARG A 194 19.33 12.99 16.56
C ARG A 194 18.66 14.00 15.62
N ASP A 195 19.09 15.26 15.65
CA ASP A 195 18.48 16.26 14.80
C ASP A 195 18.79 16.05 13.33
N GLU A 196 19.91 15.37 13.02
CA GLU A 196 20.22 15.05 11.63
C GLU A 196 19.17 14.11 11.04
N PHE A 197 18.73 13.12 11.82
CA PHE A 197 17.68 12.22 11.35
C PHE A 197 16.31 12.87 11.39
N LEU A 198 16.07 13.77 12.36
CA LEU A 198 14.79 14.47 12.41
C LEU A 198 14.66 15.54 11.33
N ARG A 199 15.78 16.06 10.83
CA ARG A 199 15.71 17.00 9.71
C ARG A 199 15.16 16.31 8.46
N ILE A 200 15.58 15.07 8.20
CA ILE A 200 15.04 14.30 7.09
C ILE A 200 13.58 13.93 7.37
N SER A 201 13.28 13.58 8.62
CA SER A 201 11.92 13.15 8.97
C SER A 201 10.91 14.27 8.78
N THR A 202 11.26 15.49 9.18
CA THR A 202 10.33 16.61 9.17
C THR A 202 10.32 17.36 7.84
N ALA A 203 11.11 16.92 6.86
CA ALA A 203 11.14 17.56 5.55
C ALA A 203 10.24 16.86 4.54
N SER A 204 9.52 15.83 4.95
CA SER A 204 8.65 15.08 4.05
C SER A 204 7.67 14.27 4.89
N GLY A 205 6.79 13.53 4.21
CA GLY A 205 5.83 12.68 4.89
C GLY A 205 4.42 13.23 4.86
N ASP A 206 4.28 14.55 5.03
CA ASP A 206 2.98 15.23 5.02
C ASP A 206 2.04 14.67 6.09
N GLY A 207 2.60 14.23 7.22
CA GLY A 207 1.82 13.77 8.34
C GLY A 207 1.40 12.31 8.28
N ARG A 208 1.72 11.60 7.20
CA ARG A 208 1.34 10.20 7.10
C ARG A 208 2.18 9.30 8.00
N HIS A 209 3.38 9.73 8.38
CA HIS A 209 4.23 8.96 9.27
C HIS A 209 5.15 9.90 10.02
N TYR A 210 5.64 9.43 11.17
CA TYR A 210 6.54 10.21 12.00
C TYR A 210 7.69 9.32 12.45
N CYS A 211 8.72 9.96 13.01
CA CYS A 211 9.90 9.27 13.51
C CYS A 211 9.97 9.39 15.02
N TYR A 212 10.39 8.31 15.68
CA TYR A 212 10.46 8.25 17.14
C TYR A 212 11.91 8.00 17.54
N PRO A 213 12.69 9.06 17.78
CA PRO A 213 14.10 8.87 18.15
C PRO A 213 14.23 8.46 19.61
N HIS A 214 15.17 7.55 19.86
CA HIS A 214 15.46 7.08 21.20
C HIS A 214 16.97 6.97 21.38
N PHE A 215 17.42 7.18 22.61
CA PHE A 215 18.81 6.96 22.99
C PHE A 215 18.92 5.66 23.76
N THR A 216 19.67 4.70 23.22
CA THR A 216 19.81 3.38 23.82
C THR A 216 21.27 2.99 23.84
N CYS A 217 21.60 2.09 24.76
CA CYS A 217 22.95 1.57 24.94
C CYS A 217 22.94 0.06 24.78
N SER A 218 24.13 -0.54 24.86
CA SER A 218 24.22 -2.00 24.77
C SER A 218 23.52 -2.67 25.93
N VAL A 219 23.74 -2.17 27.15
CA VAL A 219 23.03 -2.67 28.33
C VAL A 219 21.81 -1.78 28.52
N ASP A 220 20.72 -2.13 27.84
CA ASP A 220 19.49 -1.35 27.91
C ASP A 220 18.32 -2.29 27.68
N THR A 221 17.65 -2.68 28.76
CA THR A 221 16.57 -3.66 28.71
C THR A 221 15.21 -3.03 28.49
N GLU A 222 15.13 -1.71 28.33
CA GLU A 222 13.86 -1.02 28.17
C GLU A 222 13.49 -0.80 26.71
N ASN A 223 14.27 -1.32 25.77
CA ASN A 223 13.99 -1.08 24.35
C ASN A 223 12.72 -1.76 23.90
N ALA A 224 12.37 -2.91 24.50
CA ALA A 224 11.11 -3.55 24.19
C ALA A 224 9.93 -2.69 24.62
N ARG A 225 10.04 -2.06 25.80
CA ARG A 225 8.98 -1.18 26.26
C ARG A 225 8.83 0.05 25.37
N ARG A 226 9.97 0.60 24.91
CA ARG A 226 9.91 1.79 24.06
C ARG A 226 9.22 1.49 22.74
N ILE A 227 9.47 0.32 22.16
CA ILE A 227 8.79 -0.07 20.93
C ILE A 227 7.30 -0.18 21.17
N PHE A 228 6.91 -0.78 22.30
CA PHE A 228 5.49 -0.94 22.62
C PHE A 228 4.80 0.42 22.74
N ASN A 229 5.43 1.36 23.44
CA ASN A 229 4.84 2.69 23.61
C ASN A 229 4.74 3.41 22.28
N ASP A 230 5.76 3.30 21.43
CA ASP A 230 5.74 3.99 20.14
C ASP A 230 4.72 3.36 19.19
N CYS A 231 4.66 2.03 19.14
CA CYS A 231 3.68 1.37 18.28
C CYS A 231 2.25 1.62 18.77
N ARG A 232 2.07 1.82 20.07
CA ARG A 232 0.75 2.19 20.58
C ARG A 232 0.31 3.54 20.02
N ASP A 233 1.24 4.50 19.95
CA ASP A 233 0.94 5.80 19.36
C ASP A 233 0.81 5.72 17.85
N ILE A 234 1.56 4.81 17.21
CA ILE A 234 1.43 4.63 15.76
C ILE A 234 0.06 4.07 15.41
N ILE A 235 -0.36 3.02 16.13
CA ILE A 235 -1.66 2.42 15.88
C ILE A 235 -2.77 3.41 16.19
N GLN A 236 -2.66 4.13 17.30
CA GLN A 236 -3.68 5.09 17.68
C GLN A 236 -3.82 6.20 16.64
N ARG A 237 -2.69 6.69 16.13
CA ARG A 237 -2.75 7.67 15.04
C ARG A 237 -3.30 7.05 13.76
N MET A 238 -3.03 5.76 13.53
CA MET A 238 -3.61 5.09 12.37
C MET A 238 -5.12 4.97 12.50
N HIS A 239 -5.61 4.69 13.72
CA HIS A 239 -7.04 4.57 13.93
C HIS A 239 -7.75 5.89 13.70
N LEU A 240 -7.14 7.00 14.13
CA LEU A 240 -7.75 8.31 13.93
C LEU A 240 -7.89 8.67 12.46
N ARG A 241 -7.11 8.04 11.58
CA ARG A 241 -7.13 8.37 10.16
C ARG A 241 -8.10 7.48 9.37
N GLN A 242 -7.99 6.16 9.55
CA GLN A 242 -8.79 5.23 8.77
C GLN A 242 -10.13 4.88 9.41
N TYR A 243 -10.37 5.27 10.67
CA TYR A 243 -11.65 5.06 11.32
C TYR A 243 -12.34 6.39 11.65
N GLU A 244 -12.15 7.39 10.80
CA GLU A 244 -12.84 8.66 11.00
C GLU A 244 -14.35 8.50 10.83
N LEU A 245 -14.79 7.67 9.89
CA LEU A 245 -16.20 7.35 9.69
C LEU A 245 -16.42 5.94 10.20
N LEU A 246 -16.99 5.85 11.41
CA LEU A 246 -17.25 4.56 12.05
C LEU A 246 -18.37 3.77 11.38
N SER B 12 46.11 -3.65 -17.25
CA SER B 12 45.98 -3.00 -18.56
C SER B 12 45.08 -3.82 -19.49
N GLU B 13 44.98 -5.13 -19.21
CA GLU B 13 44.12 -5.99 -20.01
C GLU B 13 42.65 -5.67 -19.79
N LEU B 14 42.28 -5.27 -18.57
CA LEU B 14 40.89 -4.93 -18.29
C LEU B 14 40.43 -3.75 -19.13
N ASP B 15 41.29 -2.74 -19.30
CA ASP B 15 40.97 -1.62 -20.17
C ASP B 15 40.83 -2.06 -21.62
N GLN B 16 41.68 -3.00 -22.06
CA GLN B 16 41.60 -3.48 -23.43
C GLN B 16 40.29 -4.21 -23.69
N LEU B 17 39.87 -5.07 -22.75
CA LEU B 17 38.61 -5.79 -22.94
C LEU B 17 37.40 -4.86 -22.86
N ARG B 18 37.53 -3.75 -22.14
CA ARG B 18 36.42 -2.80 -22.06
C ARG B 18 36.16 -2.13 -23.40
N GLN B 19 37.21 -1.91 -24.20
CA GLN B 19 37.04 -1.27 -25.49
C GLN B 19 36.55 -2.27 -26.54
N GLU B 20 37.03 -3.50 -26.47
CA GLU B 20 36.55 -4.53 -27.40
C GLU B 20 35.06 -4.80 -27.19
N ALA B 21 34.58 -4.71 -25.95
CA ALA B 21 33.16 -4.87 -25.69
C ALA B 21 32.35 -3.78 -26.37
N GLU B 22 32.85 -2.54 -26.32
CA GLU B 22 32.16 -1.43 -26.98
C GLU B 22 32.10 -1.65 -28.49
N GLN B 23 33.19 -2.16 -29.08
CA GLN B 23 33.17 -2.46 -30.51
C GLN B 23 32.14 -3.53 -30.85
N LEU B 24 32.03 -4.57 -30.01
CA LEU B 24 31.03 -5.61 -30.23
C LEU B 24 29.63 -5.05 -30.05
N LYS B 25 29.43 -4.18 -29.05
CA LYS B 25 28.12 -3.57 -28.85
C LYS B 25 27.73 -2.69 -30.04
N ASN B 26 28.68 -1.95 -30.59
CA ASN B 26 28.40 -1.15 -31.78
C ASN B 26 28.10 -2.04 -32.98
N GLN B 27 28.78 -3.19 -33.08
CA GLN B 27 28.50 -4.12 -34.16
C GLN B 27 27.09 -4.67 -34.06
N ILE B 28 26.65 -5.01 -32.84
CA ILE B 28 25.28 -5.49 -32.65
C ILE B 28 24.28 -4.37 -32.93
N ARG B 29 24.57 -3.17 -32.44
CA ARG B 29 23.65 -2.04 -32.66
C ARG B 29 23.50 -1.72 -34.13
N ASP B 30 24.61 -1.76 -34.88
CA ASP B 30 24.54 -1.54 -36.33
C ASP B 30 23.77 -2.65 -37.01
N ALA B 31 23.95 -3.90 -36.55
CA ALA B 31 23.24 -5.02 -37.15
C ALA B 31 21.73 -4.89 -36.96
N ARG B 32 21.31 -4.49 -35.76
CA ARG B 32 19.89 -4.28 -35.51
C ARG B 32 19.35 -3.12 -36.34
N LYS B 33 20.12 -2.05 -36.46
CA LYS B 33 19.69 -0.91 -37.28
C LYS B 33 19.62 -1.28 -38.76
N ALA B 34 20.46 -2.21 -39.20
CA ALA B 34 20.45 -2.61 -40.61
C ALA B 34 19.14 -3.27 -40.99
N CYS B 35 18.59 -4.11 -40.11
CA CYS B 35 17.35 -4.82 -40.39
C CYS B 35 16.11 -4.03 -39.96
N ALA B 36 16.28 -2.81 -39.46
CA ALA B 36 15.15 -1.96 -39.09
C ALA B 36 14.66 -1.16 -40.29
N ASP B 37 14.29 -1.90 -41.34
CA ASP B 37 13.85 -1.26 -42.58
C ASP B 37 12.54 -0.50 -42.37
N ALA B 38 11.61 -1.07 -41.61
CA ALA B 38 10.31 -0.46 -41.38
C ALA B 38 10.01 -0.47 -39.88
N THR B 39 8.87 0.11 -39.52
CA THR B 39 8.40 0.14 -38.15
C THR B 39 7.09 -0.63 -38.04
N LEU B 40 6.91 -1.31 -36.90
CA LEU B 40 5.65 -2.00 -36.64
C LEU B 40 4.45 -1.06 -36.70
N SER B 41 4.63 0.20 -36.27
CA SER B 41 3.54 1.16 -36.35
C SER B 41 3.12 1.42 -37.79
N GLN B 42 4.10 1.55 -38.70
CA GLN B 42 3.78 1.74 -40.10
C GLN B 42 3.09 0.52 -40.70
N ILE B 43 3.53 -0.67 -40.32
CA ILE B 43 2.95 -1.90 -40.87
C ILE B 43 1.50 -2.04 -40.46
N THR B 44 1.19 -1.75 -39.19
CA THR B 44 -0.14 -1.94 -38.64
C THR B 44 -0.98 -0.67 -38.65
N ASN B 45 -0.58 0.33 -39.44
CA ASN B 45 -1.36 1.56 -39.52
C ASN B 45 -2.68 1.34 -40.24
N ASN B 46 -2.68 0.48 -41.27
CA ASN B 46 -3.88 0.31 -42.09
C ASN B 46 -4.98 -0.43 -41.35
N ILE B 47 -4.64 -1.37 -40.48
CA ILE B 47 -5.65 -2.21 -39.84
C ILE B 47 -6.54 -1.34 -38.93
N ASP B 48 -7.79 -1.75 -38.80
CA ASP B 48 -8.74 -1.00 -37.99
C ASP B 48 -8.42 -1.18 -36.51
N PRO B 49 -8.71 -0.18 -35.68
CA PRO B 49 -8.48 -0.32 -34.24
C PRO B 49 -9.48 -1.28 -33.62
N VAL B 50 -9.13 -1.79 -32.43
CA VAL B 50 -10.00 -2.69 -31.69
C VAL B 50 -11.18 -1.97 -31.05
N GLY B 51 -11.21 -0.64 -31.10
CA GLY B 51 -12.27 0.10 -30.44
C GLY B 51 -12.03 0.21 -28.93
N ARG B 52 -13.12 0.48 -28.21
CA ARG B 52 -13.07 0.58 -26.76
C ARG B 52 -13.37 -0.79 -26.16
N ILE B 53 -12.48 -1.25 -25.29
CA ILE B 53 -12.62 -2.54 -24.61
C ILE B 53 -13.21 -2.28 -23.23
N GLN B 54 -14.43 -2.76 -23.01
CA GLN B 54 -15.13 -2.61 -21.74
C GLN B 54 -15.23 -3.98 -21.08
N MET B 55 -14.65 -4.11 -19.89
CA MET B 55 -14.70 -5.33 -19.11
C MET B 55 -15.31 -5.05 -17.75
N ARG B 56 -16.18 -5.95 -17.29
CA ARG B 56 -16.82 -5.86 -15.99
C ARG B 56 -16.25 -6.92 -15.05
N THR B 57 -16.31 -6.62 -13.76
CA THR B 57 -15.89 -7.57 -12.72
C THR B 57 -16.98 -8.61 -12.55
N ARG B 58 -16.75 -9.81 -13.10
CA ARG B 58 -17.71 -10.90 -12.95
C ARG B 58 -17.64 -11.53 -11.57
N ARG B 59 -16.43 -11.70 -11.03
CA ARG B 59 -16.22 -12.33 -9.74
C ARG B 59 -15.26 -11.51 -8.92
N THR B 60 -15.45 -11.52 -7.60
CA THR B 60 -14.51 -10.97 -6.64
C THR B 60 -14.12 -12.05 -5.65
N LEU B 61 -12.83 -12.37 -5.58
CA LEU B 61 -12.32 -13.42 -4.71
C LEU B 61 -11.85 -12.78 -3.41
N ARG B 62 -12.57 -13.07 -2.32
CA ARG B 62 -12.28 -12.52 -1.01
C ARG B 62 -11.80 -13.61 -0.07
N GLY B 63 -10.86 -13.28 0.81
CA GLY B 63 -10.32 -14.25 1.74
C GLY B 63 -8.90 -13.98 2.18
N HIS B 64 -8.10 -13.34 1.34
CA HIS B 64 -6.73 -13.04 1.71
C HIS B 64 -6.70 -11.91 2.72
N LEU B 65 -5.85 -12.07 3.74
CA LEU B 65 -5.73 -11.07 4.79
C LEU B 65 -4.62 -10.05 4.52
N ALA B 66 -3.78 -10.29 3.53
CA ALA B 66 -2.66 -9.40 3.23
C ALA B 66 -2.56 -9.20 1.73
N LYS B 67 -1.68 -8.28 1.33
CA LYS B 67 -1.53 -7.93 -0.07
C LYS B 67 -1.20 -9.17 -0.90
N ILE B 68 -1.88 -9.30 -2.03
CA ILE B 68 -1.62 -10.40 -2.95
C ILE B 68 -0.38 -10.08 -3.79
N TYR B 69 0.49 -11.06 -3.95
CA TYR B 69 1.73 -10.86 -4.68
C TYR B 69 1.82 -11.61 -6.00
N ALA B 70 1.05 -12.68 -6.18
CA ALA B 70 1.13 -13.47 -7.40
C ALA B 70 -0.14 -14.28 -7.59
N MET B 71 -0.42 -14.61 -8.85
CA MET B 71 -1.49 -15.53 -9.20
C MET B 71 -1.09 -16.29 -10.46
N HIS B 72 -1.67 -17.48 -10.63
CA HIS B 72 -1.43 -18.25 -11.84
C HIS B 72 -2.64 -19.13 -12.13
N TRP B 73 -3.15 -19.05 -13.35
CA TRP B 73 -4.24 -19.89 -13.78
C TRP B 73 -3.77 -21.33 -13.99
N GLY B 74 -4.65 -22.28 -13.68
CA GLY B 74 -4.46 -23.65 -14.13
C GLY B 74 -4.80 -23.82 -15.60
N THR B 75 -4.38 -24.95 -16.16
CA THR B 75 -4.57 -25.19 -17.59
C THR B 75 -6.01 -25.49 -17.95
N ASP B 76 -6.87 -25.79 -16.97
CA ASP B 76 -8.28 -26.01 -17.21
C ASP B 76 -9.07 -24.71 -17.31
N SER B 77 -8.40 -23.56 -17.13
CA SER B 77 -9.01 -22.24 -17.26
C SER B 77 -10.12 -22.01 -16.23
N ARG B 78 -10.16 -22.82 -15.18
CA ARG B 78 -11.17 -22.70 -14.14
C ARG B 78 -10.57 -22.53 -12.75
N LEU B 79 -9.52 -23.27 -12.42
CA LEU B 79 -8.85 -23.15 -11.13
C LEU B 79 -7.66 -22.22 -11.24
N LEU B 80 -7.43 -21.42 -10.19
CA LEU B 80 -6.27 -20.56 -10.10
C LEU B 80 -5.76 -20.55 -8.67
N VAL B 81 -4.46 -20.30 -8.51
CA VAL B 81 -3.81 -20.22 -7.21
C VAL B 81 -3.27 -18.80 -7.04
N SER B 82 -3.54 -18.22 -5.88
CA SER B 82 -3.09 -16.87 -5.57
C SER B 82 -2.30 -16.88 -4.27
N ALA B 83 -1.21 -16.12 -4.25
CA ALA B 83 -0.32 -16.07 -3.09
C ALA B 83 -0.45 -14.71 -2.40
N SER B 84 -0.72 -14.74 -1.09
CA SER B 84 -0.84 -13.55 -0.27
C SER B 84 0.36 -13.45 0.65
N GLN B 85 0.56 -12.26 1.20
CA GLN B 85 1.68 -12.00 2.09
C GLN B 85 1.36 -12.29 3.55
N ASP B 86 0.18 -12.84 3.83
CA ASP B 86 -0.16 -13.28 5.18
C ASP B 86 0.31 -14.69 5.48
N GLY B 87 0.81 -15.41 4.49
CA GLY B 87 1.29 -16.76 4.68
C GLY B 87 0.38 -17.86 4.22
N LYS B 88 -0.59 -17.58 3.34
CA LYS B 88 -1.54 -18.57 2.88
C LYS B 88 -1.51 -18.67 1.36
N LEU B 89 -1.61 -19.90 0.87
CA LEU B 89 -1.85 -20.19 -0.54
C LEU B 89 -3.29 -20.66 -0.69
N ILE B 90 -4.07 -19.99 -1.53
CA ILE B 90 -5.47 -20.32 -1.75
C ILE B 90 -5.67 -20.68 -3.21
N ILE B 91 -6.38 -21.79 -3.45
CA ILE B 91 -6.76 -22.22 -4.78
C ILE B 91 -8.26 -21.96 -4.93
N TRP B 92 -8.62 -21.21 -5.97
CA TRP B 92 -10.00 -20.76 -6.17
C TRP B 92 -10.64 -21.49 -7.34
N ASP B 93 -11.92 -21.81 -7.18
CA ASP B 93 -12.79 -22.18 -8.30
C ASP B 93 -13.42 -20.91 -8.83
N SER B 94 -12.91 -20.42 -9.97
CA SER B 94 -13.31 -19.11 -10.46
C SER B 94 -14.77 -19.06 -10.89
N TYR B 95 -15.33 -20.20 -11.31
CA TYR B 95 -16.72 -20.22 -11.72
C TYR B 95 -17.66 -19.98 -10.55
N THR B 96 -17.35 -20.55 -9.39
CA THR B 96 -18.21 -20.47 -8.21
C THR B 96 -17.66 -19.60 -7.10
N THR B 97 -16.43 -19.11 -7.23
CA THR B 97 -15.69 -18.40 -6.18
C THR B 97 -15.44 -19.25 -4.94
N ASN B 98 -15.70 -20.55 -5.01
CA ASN B 98 -15.40 -21.44 -3.90
C ASN B 98 -13.89 -21.61 -3.74
N LYS B 99 -13.44 -21.69 -2.49
CA LYS B 99 -12.05 -22.00 -2.19
C LYS B 99 -11.85 -23.51 -2.17
N VAL B 100 -10.99 -24.00 -3.06
CA VAL B 100 -10.74 -25.44 -3.12
C VAL B 100 -9.71 -25.86 -2.07
N HIS B 101 -8.66 -25.07 -1.89
CA HIS B 101 -7.64 -25.35 -0.89
C HIS B 101 -7.18 -24.07 -0.25
N ALA B 102 -6.64 -24.19 0.97
CA ALA B 102 -5.95 -23.09 1.65
C ALA B 102 -4.69 -23.67 2.29
N ILE B 103 -3.53 -23.34 1.71
CA ILE B 103 -2.26 -23.92 2.12
C ILE B 103 -1.54 -22.91 3.02
N PRO B 104 -1.35 -23.20 4.30
CA PRO B 104 -0.56 -22.31 5.16
C PRO B 104 0.93 -22.44 4.85
N LEU B 105 1.57 -21.31 4.60
CA LEU B 105 2.98 -21.28 4.23
C LEU B 105 3.85 -21.16 5.48
N ARG B 106 4.97 -21.88 5.48
CA ARG B 106 5.90 -21.78 6.61
C ARG B 106 6.49 -20.38 6.71
N SER B 107 6.82 -19.77 5.57
CA SER B 107 7.29 -18.39 5.51
C SER B 107 6.24 -17.54 4.82
N SER B 108 5.80 -16.46 5.49
CA SER B 108 4.70 -15.65 4.99
C SER B 108 5.13 -14.64 3.93
N TRP B 109 6.43 -14.46 3.70
CA TRP B 109 6.91 -13.45 2.76
C TRP B 109 7.03 -13.99 1.34
N VAL B 110 5.96 -14.61 0.85
CA VAL B 110 5.98 -15.23 -0.47
C VAL B 110 5.85 -14.15 -1.54
N MET B 111 6.56 -14.34 -2.65
CA MET B 111 6.55 -13.37 -3.74
C MET B 111 6.06 -13.92 -5.06
N THR B 112 6.03 -15.24 -5.24
CA THR B 112 5.62 -15.83 -6.50
C THR B 112 4.84 -17.12 -6.23
N CYS B 113 4.02 -17.51 -7.21
CA CYS B 113 3.33 -18.78 -7.16
C CYS B 113 3.13 -19.30 -8.58
N ALA B 114 3.10 -20.62 -8.71
CA ALA B 114 2.93 -21.26 -10.01
C ALA B 114 1.99 -22.45 -9.87
N TYR B 115 1.16 -22.65 -10.90
CA TYR B 115 0.28 -23.81 -11.01
C TYR B 115 0.85 -24.76 -12.06
N ALA B 116 1.03 -26.01 -11.68
CA ALA B 116 1.56 -26.99 -12.62
C ALA B 116 0.57 -27.23 -13.75
N PRO B 117 1.07 -27.45 -14.98
CA PRO B 117 0.15 -27.71 -16.09
C PRO B 117 -0.70 -28.96 -15.91
N SER B 118 -0.21 -29.96 -15.18
CA SER B 118 -1.03 -31.13 -14.89
C SER B 118 -2.09 -30.86 -13.85
N GLY B 119 -1.91 -29.83 -13.02
CA GLY B 119 -2.84 -29.52 -11.95
C GLY B 119 -2.61 -30.26 -10.67
N ASN B 120 -1.59 -31.12 -10.59
CA ASN B 120 -1.33 -31.92 -9.41
C ASN B 120 -0.41 -31.24 -8.41
N TYR B 121 0.26 -30.16 -8.80
CA TYR B 121 1.25 -29.51 -7.94
C TYR B 121 1.10 -28.00 -8.04
N VAL B 122 1.48 -27.31 -6.96
CA VAL B 122 1.65 -25.87 -6.96
C VAL B 122 3.00 -25.54 -6.33
N ALA B 123 3.53 -24.38 -6.71
CA ALA B 123 4.83 -23.92 -6.24
C ALA B 123 4.71 -22.49 -5.75
N CYS B 124 5.58 -22.13 -4.81
CA CYS B 124 5.63 -20.77 -4.29
C CYS B 124 6.98 -20.52 -3.65
N GLY B 125 7.27 -19.25 -3.40
CA GLY B 125 8.50 -18.87 -2.73
C GLY B 125 8.70 -17.37 -2.67
N GLY B 126 9.44 -16.90 -1.66
CA GLY B 126 9.66 -15.49 -1.48
C GLY B 126 11.01 -15.15 -0.88
N LEU B 127 11.00 -14.35 0.18
CA LEU B 127 12.21 -13.95 0.88
C LEU B 127 12.91 -15.11 1.57
N ASP B 128 12.29 -16.29 1.63
CA ASP B 128 12.91 -17.44 2.26
C ASP B 128 13.90 -18.16 1.33
N ASN B 129 14.02 -17.71 0.08
CA ASN B 129 14.98 -18.24 -0.89
C ASN B 129 14.71 -19.71 -1.23
N ILE B 130 13.48 -20.17 -1.02
CA ILE B 130 13.12 -21.57 -1.21
C ILE B 130 11.92 -21.64 -2.15
N CYS B 131 11.95 -22.61 -3.07
CA CYS B 131 10.80 -22.93 -3.90
C CYS B 131 10.16 -24.20 -3.34
N SER B 132 8.97 -24.07 -2.77
CA SER B 132 8.28 -25.18 -2.13
C SER B 132 7.24 -25.76 -3.08
N ILE B 133 7.27 -27.08 -3.25
CA ILE B 133 6.32 -27.79 -4.10
C ILE B 133 5.29 -28.46 -3.22
N TYR B 134 4.01 -28.25 -3.52
CA TYR B 134 2.90 -28.79 -2.74
C TYR B 134 2.13 -29.78 -3.59
N ASN B 135 1.87 -30.95 -3.03
CA ASN B 135 1.11 -32.00 -3.73
C ASN B 135 -0.37 -31.79 -3.44
N LEU B 136 -1.16 -31.61 -4.50
CA LEU B 136 -2.60 -31.40 -4.35
C LEU B 136 -3.40 -32.69 -4.35
N LYS B 137 -2.82 -33.79 -4.85
CA LYS B 137 -3.52 -35.06 -4.98
C LYS B 137 -2.81 -36.07 -4.07
N THR B 138 -3.22 -36.11 -2.81
CA THR B 138 -2.69 -37.06 -1.84
C THR B 138 -3.81 -37.94 -1.32
N ARG B 139 -3.46 -39.18 -0.96
CA ARG B 139 -4.42 -40.10 -0.38
C ARG B 139 -4.87 -39.67 1.01
N GLU B 140 -4.10 -38.81 1.68
CA GLU B 140 -4.46 -38.37 3.02
C GLU B 140 -5.50 -37.27 3.03
N GLY B 141 -5.78 -36.65 1.89
CA GLY B 141 -6.81 -35.64 1.79
C GLY B 141 -6.36 -34.24 2.16
N ASN B 142 -5.07 -34.04 2.44
CA ASN B 142 -4.55 -32.72 2.79
C ASN B 142 -3.36 -32.38 1.89
N VAL B 143 -3.10 -31.10 1.75
CA VAL B 143 -1.94 -30.63 0.99
C VAL B 143 -0.71 -30.65 1.90
N ARG B 144 0.35 -31.29 1.42
CA ARG B 144 1.62 -31.36 2.15
C ARG B 144 2.75 -30.88 1.26
N VAL B 145 3.80 -30.38 1.89
CA VAL B 145 5.02 -30.02 1.17
C VAL B 145 5.69 -31.29 0.65
N SER B 146 5.93 -31.35 -0.66
CA SER B 146 6.62 -32.48 -1.26
C SER B 146 8.09 -32.21 -1.52
N ARG B 147 8.48 -30.97 -1.77
CA ARG B 147 9.87 -30.64 -2.03
C ARG B 147 10.14 -29.20 -1.61
N GLU B 148 11.35 -28.96 -1.09
CA GLU B 148 11.86 -27.63 -0.84
C GLU B 148 13.15 -27.45 -1.63
N LEU B 149 13.14 -26.59 -2.64
CA LEU B 149 14.27 -26.41 -3.54
C LEU B 149 15.18 -25.34 -2.97
N ALA B 150 16.30 -25.76 -2.36
CA ALA B 150 17.27 -24.85 -1.79
C ALA B 150 18.49 -24.74 -2.70
N GLY B 151 19.16 -23.60 -2.63
CA GLY B 151 20.32 -23.35 -3.48
C GLY B 151 20.45 -21.91 -3.95
N HIS B 152 19.32 -21.20 -4.04
CA HIS B 152 19.36 -19.78 -4.34
C HIS B 152 19.82 -18.99 -3.12
N THR B 153 20.63 -17.97 -3.35
CA THR B 153 21.12 -17.09 -2.30
C THR B 153 20.37 -15.77 -2.24
N GLY B 154 19.27 -15.63 -2.98
CA GLY B 154 18.42 -14.46 -2.90
C GLY B 154 16.96 -14.86 -2.91
N TYR B 155 16.10 -13.85 -2.79
CA TYR B 155 14.66 -14.09 -2.75
C TYR B 155 14.18 -14.67 -4.07
N LEU B 156 13.13 -15.49 -4.00
CA LEU B 156 12.53 -16.07 -5.19
C LEU B 156 11.49 -15.10 -5.76
N SER B 157 11.71 -14.68 -7.00
CA SER B 157 10.84 -13.70 -7.64
C SER B 157 9.82 -14.31 -8.59
N CYS B 158 10.16 -15.42 -9.26
CA CYS B 158 9.23 -16.06 -10.17
C CYS B 158 9.60 -17.53 -10.31
N CYS B 159 8.59 -18.34 -10.63
CA CYS B 159 8.78 -19.77 -10.85
C CYS B 159 7.71 -20.25 -11.82
N ARG B 160 8.09 -21.19 -12.70
CA ARG B 160 7.17 -21.74 -13.69
C ARG B 160 7.49 -23.21 -13.91
N PHE B 161 6.47 -24.06 -13.84
CA PHE B 161 6.65 -25.48 -14.12
C PHE B 161 6.85 -25.72 -15.61
N LEU B 162 7.78 -26.61 -15.94
CA LEU B 162 7.86 -27.18 -17.27
C LEU B 162 7.04 -28.46 -17.38
N ASP B 163 7.09 -29.29 -16.34
CA ASP B 163 6.25 -30.48 -16.21
C ASP B 163 6.18 -30.83 -14.72
N ASP B 164 5.71 -32.04 -14.42
CA ASP B 164 5.59 -32.44 -13.03
C ASP B 164 6.94 -32.64 -12.35
N ASN B 165 8.01 -32.76 -13.13
CA ASN B 165 9.34 -33.03 -12.57
C ASN B 165 10.34 -31.89 -12.76
N GLN B 166 10.06 -30.92 -13.62
CA GLN B 166 10.97 -29.82 -13.89
C GLN B 166 10.29 -28.49 -13.64
N ILE B 167 11.03 -27.56 -13.04
CA ILE B 167 10.55 -26.20 -12.80
C ILE B 167 11.73 -25.24 -12.95
N VAL B 168 11.45 -24.06 -13.49
CA VAL B 168 12.44 -22.99 -13.64
C VAL B 168 12.10 -21.90 -12.64
N THR B 169 13.09 -21.45 -11.88
CA THR B 169 12.93 -20.40 -10.88
C THR B 169 13.90 -19.27 -11.17
N SER B 170 13.44 -18.04 -10.96
CA SER B 170 14.28 -16.85 -10.99
C SER B 170 14.40 -16.27 -9.59
N SER B 171 15.58 -15.78 -9.26
CA SER B 171 15.89 -15.31 -7.91
C SER B 171 16.48 -13.91 -7.97
N GLY B 172 16.55 -13.28 -6.80
CA GLY B 172 17.19 -12.00 -6.63
C GLY B 172 18.70 -12.02 -6.54
N ASP B 173 19.32 -13.21 -6.61
CA ASP B 173 20.76 -13.32 -6.67
C ASP B 173 21.30 -13.24 -8.10
N THR B 174 20.52 -12.67 -9.02
CA THR B 174 20.88 -12.36 -10.41
C THR B 174 20.96 -13.61 -11.28
N THR B 175 20.52 -14.76 -10.81
CA THR B 175 20.61 -16.01 -11.56
C THR B 175 19.25 -16.66 -11.67
N CYS B 176 19.06 -17.41 -12.76
CA CYS B 176 17.93 -18.31 -12.91
C CYS B 176 18.42 -19.76 -12.83
N ALA B 177 17.53 -20.65 -12.40
CA ALA B 177 17.89 -22.05 -12.24
C ALA B 177 16.78 -22.95 -12.77
N LEU B 178 17.18 -24.08 -13.36
CA LEU B 178 16.28 -25.16 -13.71
C LEU B 178 16.46 -26.29 -12.70
N TRP B 179 15.36 -26.76 -12.13
CA TRP B 179 15.39 -27.71 -11.03
C TRP B 179 14.82 -29.05 -11.46
N ASP B 180 15.42 -30.12 -10.95
CA ASP B 180 14.84 -31.46 -11.00
C ASP B 180 14.14 -31.70 -9.66
N ILE B 181 12.80 -31.74 -9.68
CA ILE B 181 12.04 -31.80 -8.44
C ILE B 181 12.27 -33.12 -7.73
N GLU B 182 12.38 -34.22 -8.48
CA GLU B 182 12.52 -35.54 -7.86
C GLU B 182 13.82 -35.64 -7.08
N THR B 183 14.92 -35.14 -7.63
CA THR B 183 16.21 -35.17 -6.95
C THR B 183 16.47 -33.93 -6.10
N GLY B 184 15.70 -32.87 -6.29
CA GLY B 184 15.88 -31.66 -5.50
C GLY B 184 17.10 -30.83 -5.86
N GLN B 185 17.74 -31.13 -6.98
CA GLN B 185 18.96 -30.43 -7.39
C GLN B 185 18.69 -29.61 -8.65
N GLN B 186 19.39 -28.49 -8.75
CA GLN B 186 19.28 -27.62 -9.92
C GLN B 186 20.17 -28.16 -11.03
N THR B 187 19.56 -28.65 -12.10
CA THR B 187 20.33 -29.24 -13.19
C THR B 187 21.07 -28.18 -13.99
N THR B 188 20.45 -27.02 -14.22
CA THR B 188 21.04 -25.95 -15.00
C THR B 188 20.92 -24.64 -14.25
N THR B 189 21.98 -23.83 -14.31
CA THR B 189 21.98 -22.49 -13.75
C THR B 189 22.20 -21.48 -14.86
N PHE B 190 21.33 -20.47 -14.94
CA PHE B 190 21.38 -19.46 -15.98
C PHE B 190 21.94 -18.18 -15.39
N THR B 191 23.18 -17.86 -15.75
CA THR B 191 23.88 -16.69 -15.24
C THR B 191 24.13 -15.69 -16.37
N GLY B 192 24.24 -14.41 -16.00
CA GLY B 192 24.51 -13.37 -16.96
C GLY B 192 23.82 -12.05 -16.65
N HIS B 193 22.76 -12.10 -15.85
CA HIS B 193 22.12 -10.88 -15.39
C HIS B 193 22.97 -10.23 -14.30
N THR B 194 23.07 -8.90 -14.38
CA THR B 194 23.80 -8.13 -13.38
C THR B 194 22.89 -7.52 -12.32
N GLY B 195 21.57 -7.74 -12.40
CA GLY B 195 20.65 -7.28 -11.40
C GLY B 195 19.67 -8.37 -10.99
N ASP B 196 18.80 -8.02 -10.05
CA ASP B 196 17.81 -8.96 -9.56
C ASP B 196 16.82 -9.34 -10.66
N VAL B 197 16.72 -10.63 -10.94
CA VAL B 197 15.76 -11.13 -11.91
C VAL B 197 14.37 -11.11 -11.27
N MET B 198 13.44 -10.38 -11.87
CA MET B 198 12.14 -10.16 -11.27
C MET B 198 11.03 -11.03 -11.85
N SER B 199 11.19 -11.53 -13.07
CA SER B 199 10.13 -12.31 -13.71
C SER B 199 10.73 -13.20 -14.78
N LEU B 200 9.97 -14.23 -15.17
CA LEU B 200 10.32 -15.06 -16.30
C LEU B 200 9.03 -15.56 -16.96
N SER B 201 9.12 -15.85 -18.25
CA SER B 201 8.00 -16.42 -18.99
C SER B 201 8.48 -17.56 -19.86
N LEU B 202 7.71 -18.65 -19.89
CA LEU B 202 8.05 -19.82 -20.68
C LEU B 202 7.45 -19.72 -22.07
N ALA B 203 8.22 -20.17 -23.07
CA ALA B 203 7.70 -20.27 -24.42
C ALA B 203 6.66 -21.38 -24.50
N PRO B 204 5.72 -21.28 -25.45
CA PRO B 204 4.66 -22.31 -25.54
C PRO B 204 5.19 -23.72 -25.72
N ASP B 205 6.31 -23.90 -26.41
CA ASP B 205 6.91 -25.21 -26.58
C ASP B 205 7.84 -25.58 -25.42
N THR B 206 8.04 -24.68 -24.46
CA THR B 206 8.86 -24.92 -23.28
C THR B 206 10.29 -25.31 -23.63
N ARG B 207 10.78 -24.85 -24.78
CA ARG B 207 12.19 -25.02 -25.13
C ARG B 207 13.02 -23.78 -24.84
N LEU B 208 12.39 -22.62 -24.70
CA LEU B 208 13.08 -21.37 -24.40
C LEU B 208 12.31 -20.64 -23.31
N PHE B 209 12.99 -19.72 -22.64
CA PHE B 209 12.31 -18.81 -21.72
C PHE B 209 13.08 -17.50 -21.65
N VAL B 210 12.33 -16.41 -21.49
CA VAL B 210 12.88 -15.07 -21.34
C VAL B 210 12.77 -14.66 -19.88
N SER B 211 13.75 -13.87 -19.42
CA SER B 211 13.74 -13.35 -18.06
C SER B 211 14.07 -11.87 -18.09
N GLY B 212 13.40 -11.11 -17.24
CA GLY B 212 13.65 -9.69 -17.07
C GLY B 212 14.23 -9.42 -15.69
N ALA B 213 15.29 -8.61 -15.66
CA ALA B 213 16.02 -8.32 -14.44
C ALA B 213 16.00 -6.81 -14.17
N CYS B 214 16.69 -6.42 -13.10
CA CYS B 214 16.80 -5.03 -12.69
C CYS B 214 17.94 -4.29 -13.40
N ASP B 215 18.69 -4.97 -14.28
CA ASP B 215 19.64 -4.30 -15.15
C ASP B 215 19.01 -3.74 -16.42
N ALA B 216 17.68 -3.63 -16.45
CA ALA B 216 16.95 -3.05 -17.58
C ALA B 216 17.17 -3.82 -18.88
N SER B 217 17.45 -5.13 -18.77
CA SER B 217 17.70 -5.96 -19.93
C SER B 217 16.90 -7.25 -19.83
N ALA B 218 16.53 -7.80 -20.99
CA ALA B 218 15.82 -9.07 -21.07
C ALA B 218 16.68 -10.05 -21.86
N LYS B 219 16.91 -11.22 -21.30
CA LYS B 219 17.75 -12.24 -21.89
C LYS B 219 16.92 -13.46 -22.28
N LEU B 220 17.20 -14.01 -23.46
CA LEU B 220 16.57 -15.23 -23.94
C LEU B 220 17.48 -16.41 -23.66
N TRP B 221 16.97 -17.40 -22.94
CA TRP B 221 17.76 -18.54 -22.50
C TRP B 221 17.30 -19.81 -23.18
N ASP B 222 18.25 -20.69 -23.51
CA ASP B 222 17.95 -22.02 -24.00
C ASP B 222 17.89 -22.97 -22.81
N VAL B 223 16.76 -23.67 -22.66
CA VAL B 223 16.57 -24.53 -21.50
C VAL B 223 17.53 -25.72 -21.55
N ARG B 224 17.61 -26.39 -22.69
CA ARG B 224 18.44 -27.58 -22.79
C ARG B 224 19.93 -27.23 -22.79
N GLU B 225 20.31 -26.23 -23.59
CA GLU B 225 21.73 -25.88 -23.70
C GLU B 225 22.22 -25.14 -22.46
N GLY B 226 21.39 -24.27 -21.89
CA GLY B 226 21.70 -23.61 -20.64
C GLY B 226 22.48 -22.31 -20.77
N MET B 227 22.51 -21.70 -21.94
CA MET B 227 23.20 -20.43 -22.15
C MET B 227 22.22 -19.38 -22.67
N CYS B 228 22.66 -18.12 -22.59
CA CYS B 228 21.86 -17.01 -23.08
C CYS B 228 22.03 -16.90 -24.59
N ARG B 229 20.92 -16.97 -25.33
CA ARG B 229 20.98 -16.87 -26.78
C ARG B 229 21.01 -15.42 -27.24
N GLN B 230 20.10 -14.60 -26.71
CA GLN B 230 19.99 -13.21 -27.14
C GLN B 230 19.75 -12.32 -25.92
N THR B 231 20.17 -11.06 -26.04
CA THR B 231 19.97 -10.05 -25.00
C THR B 231 19.20 -8.88 -25.60
N PHE B 232 18.16 -8.45 -24.90
CA PHE B 232 17.28 -7.37 -25.37
C PHE B 232 17.38 -6.19 -24.42
N THR B 233 17.76 -5.04 -24.95
CA THR B 233 17.85 -3.79 -24.20
C THR B 233 16.92 -2.75 -24.79
N GLY B 234 16.67 -1.70 -24.02
CA GLY B 234 15.77 -0.64 -24.43
C GLY B 234 15.06 0.03 -23.27
N HIS B 235 14.81 -0.71 -22.21
CA HIS B 235 14.19 -0.12 -21.02
C HIS B 235 15.20 0.74 -20.27
N GLU B 236 14.68 1.71 -19.53
CA GLU B 236 15.51 2.65 -18.78
C GLU B 236 15.50 2.39 -17.27
N SER B 237 14.78 1.37 -16.81
CA SER B 237 14.69 1.09 -15.38
C SER B 237 14.52 -0.41 -15.20
N ASP B 238 14.33 -0.82 -13.94
CA ASP B 238 14.20 -2.24 -13.63
C ASP B 238 12.99 -2.84 -14.35
N ILE B 239 13.16 -4.05 -14.85
CA ILE B 239 12.08 -4.77 -15.51
C ILE B 239 11.36 -5.63 -14.48
N ASN B 240 10.05 -5.45 -14.36
CA ASN B 240 9.26 -6.13 -13.34
C ASN B 240 8.38 -7.24 -13.87
N ALA B 241 8.12 -7.27 -15.19
CA ALA B 241 7.21 -8.24 -15.75
C ALA B 241 7.65 -8.59 -17.17
N ILE B 242 7.30 -9.80 -17.60
CA ILE B 242 7.65 -10.29 -18.93
C ILE B 242 6.67 -11.39 -19.31
N CYS B 243 6.33 -11.46 -20.59
CA CYS B 243 5.33 -12.41 -21.06
C CYS B 243 5.58 -12.71 -22.52
N PHE B 244 5.59 -14.00 -22.87
CA PHE B 244 5.79 -14.41 -24.26
C PHE B 244 4.55 -14.13 -25.09
N PHE B 245 4.78 -13.76 -26.34
CA PHE B 245 3.69 -13.69 -27.31
C PHE B 245 3.15 -15.09 -27.58
N PRO B 246 1.85 -15.22 -27.87
CA PRO B 246 1.25 -16.56 -27.97
C PRO B 246 1.90 -17.47 -29.00
N ASN B 247 2.53 -16.93 -30.04
CA ASN B 247 3.22 -17.76 -31.02
C ASN B 247 4.66 -18.05 -30.65
N GLY B 248 5.19 -17.43 -29.59
CA GLY B 248 6.54 -17.67 -29.14
C GLY B 248 7.62 -16.91 -29.86
N ASN B 249 7.28 -16.06 -30.84
CA ASN B 249 8.26 -15.31 -31.60
C ASN B 249 8.47 -13.90 -31.08
N ALA B 250 7.82 -13.52 -29.99
CA ALA B 250 7.96 -12.19 -29.43
C ALA B 250 7.62 -12.25 -27.95
N PHE B 251 7.97 -11.18 -27.24
CA PHE B 251 7.60 -11.04 -25.84
C PHE B 251 7.46 -9.56 -25.51
N ALA B 252 6.69 -9.28 -24.47
CA ALA B 252 6.47 -7.93 -23.97
C ALA B 252 7.01 -7.82 -22.55
N THR B 253 7.55 -6.66 -22.22
CA THR B 253 8.10 -6.41 -20.89
C THR B 253 7.44 -5.18 -20.27
N GLY B 254 7.50 -5.12 -18.95
CA GLY B 254 7.06 -3.94 -18.22
C GLY B 254 8.09 -3.50 -17.21
N SER B 255 8.40 -2.21 -17.19
CA SER B 255 9.47 -1.67 -16.36
C SER B 255 8.93 -0.57 -15.45
N ASP B 256 9.82 -0.07 -14.60
CA ASP B 256 9.50 1.06 -13.73
C ASP B 256 9.50 2.41 -14.45
N ASP B 257 9.91 2.46 -15.71
CA ASP B 257 9.92 3.69 -16.48
C ASP B 257 8.58 3.98 -17.14
N ALA B 258 7.51 3.33 -16.69
CA ALA B 258 6.15 3.58 -17.16
C ALA B 258 5.98 3.26 -18.64
N THR B 259 6.75 2.30 -19.15
CA THR B 259 6.69 1.93 -20.56
C THR B 259 6.57 0.42 -20.68
N CYS B 260 5.90 -0.01 -21.75
CA CYS B 260 5.88 -1.39 -22.20
C CYS B 260 6.50 -1.48 -23.58
N ARG B 261 7.38 -2.47 -23.78
CA ARG B 261 8.07 -2.62 -25.05
C ARG B 261 7.84 -4.04 -25.57
N LEU B 262 7.67 -4.15 -26.89
CA LEU B 262 7.48 -5.43 -27.56
C LEU B 262 8.77 -5.76 -28.31
N PHE B 263 9.46 -6.79 -27.85
CA PHE B 263 10.69 -7.25 -28.49
C PHE B 263 10.40 -8.47 -29.36
N ASP B 264 11.11 -8.56 -30.48
CA ASP B 264 11.01 -9.70 -31.38
C ASP B 264 12.25 -10.56 -31.26
N LEU B 265 12.07 -11.87 -31.18
CA LEU B 265 13.21 -12.77 -31.04
C LEU B 265 14.04 -12.81 -32.31
N ARG B 266 13.36 -12.96 -33.46
CA ARG B 266 14.09 -13.16 -34.71
C ARG B 266 14.72 -11.85 -35.21
N ALA B 267 14.02 -10.72 -35.04
CA ALA B 267 14.60 -9.44 -35.37
C ALA B 267 15.57 -8.93 -34.31
N ASP B 268 15.53 -9.51 -33.11
CA ASP B 268 16.50 -9.24 -32.05
C ASP B 268 16.53 -7.75 -31.69
N GLN B 269 15.37 -7.12 -31.63
CA GLN B 269 15.30 -5.70 -31.30
C GLN B 269 13.88 -5.34 -30.90
N GLU B 270 13.74 -4.15 -30.32
CA GLU B 270 12.44 -3.63 -29.93
C GLU B 270 11.61 -3.28 -31.16
N LEU B 271 10.30 -3.56 -31.10
CA LEU B 271 9.39 -3.27 -32.20
C LEU B 271 8.41 -2.14 -31.89
N MET B 272 8.02 -1.98 -30.64
CA MET B 272 6.97 -1.01 -30.31
C MET B 272 7.05 -0.68 -28.82
N THR B 273 6.72 0.58 -28.50
CA THR B 273 6.68 1.05 -27.13
C THR B 273 5.26 1.46 -26.77
N TYR B 274 4.82 1.07 -25.58
CA TYR B 274 3.46 1.34 -25.10
C TYR B 274 3.57 2.23 -23.87
N SER B 275 3.50 3.54 -24.08
CA SER B 275 3.58 4.49 -22.97
C SER B 275 2.69 5.68 -23.26
N HIS B 276 2.29 6.36 -22.18
CA HIS B 276 1.47 7.56 -22.27
C HIS B 276 2.04 8.62 -21.35
N ASP B 277 1.77 9.89 -21.68
CA ASP B 277 2.31 10.99 -20.88
C ASP B 277 1.70 11.03 -19.49
N ASN B 278 0.43 10.67 -19.35
CA ASN B 278 -0.20 10.65 -18.03
C ASN B 278 0.40 9.56 -17.15
N ILE B 279 0.92 8.48 -17.75
CA ILE B 279 1.43 7.36 -16.98
C ILE B 279 2.85 7.67 -16.52
N ILE B 280 3.05 7.75 -15.20
CA ILE B 280 4.35 8.06 -14.64
C ILE B 280 4.70 7.03 -13.56
N CYS B 281 3.88 5.99 -13.44
CA CYS B 281 4.05 4.96 -12.43
C CYS B 281 4.63 3.70 -13.04
N GLY B 282 5.21 2.86 -12.17
CA GLY B 282 5.81 1.63 -12.63
C GLY B 282 4.78 0.59 -13.04
N ILE B 283 5.26 -0.38 -13.83
CA ILE B 283 4.43 -1.47 -14.33
C ILE B 283 4.81 -2.74 -13.58
N THR B 284 3.80 -3.48 -13.11
CA THR B 284 4.02 -4.66 -12.29
C THR B 284 3.79 -5.98 -13.00
N SER B 285 2.86 -6.03 -13.95
CA SER B 285 2.48 -7.30 -14.58
C SER B 285 2.02 -7.03 -16.00
N VAL B 286 2.28 -8.00 -16.89
CA VAL B 286 1.87 -7.93 -18.28
C VAL B 286 1.39 -9.31 -18.72
N SER B 287 0.44 -9.31 -19.64
CA SER B 287 -0.07 -10.56 -20.22
C SER B 287 -0.70 -10.24 -21.56
N PHE B 288 -0.84 -11.29 -22.38
CA PHE B 288 -1.46 -11.19 -23.70
C PHE B 288 -2.78 -11.92 -23.73
N SER B 289 -3.67 -11.46 -24.61
CA SER B 289 -4.88 -12.20 -24.92
C SER B 289 -4.53 -13.42 -25.78
N LYS B 290 -5.55 -14.26 -26.02
CA LYS B 290 -5.30 -15.54 -26.69
C LYS B 290 -4.75 -15.33 -28.09
N SER B 291 -5.29 -14.35 -28.82
CA SER B 291 -4.78 -14.04 -30.15
C SER B 291 -3.56 -13.13 -30.12
N GLY B 292 -3.21 -12.58 -28.95
CA GLY B 292 -2.07 -11.69 -28.85
C GLY B 292 -2.35 -10.25 -29.27
N ARG B 293 -3.58 -9.95 -29.71
CA ARG B 293 -3.89 -8.60 -30.17
C ARG B 293 -3.96 -7.60 -29.01
N LEU B 294 -4.30 -8.07 -27.81
CA LEU B 294 -4.41 -7.19 -26.65
C LEU B 294 -3.28 -7.47 -25.67
N LEU B 295 -2.66 -6.40 -25.18
CA LEU B 295 -1.66 -6.48 -24.12
C LEU B 295 -2.20 -5.80 -22.87
N LEU B 296 -2.39 -6.57 -21.80
CA LEU B 296 -2.90 -6.06 -20.54
C LEU B 296 -1.75 -5.85 -19.58
N ALA B 297 -1.67 -4.65 -19.01
CA ALA B 297 -0.57 -4.28 -18.12
C ALA B 297 -1.11 -3.66 -16.84
N GLY B 298 -0.56 -4.07 -15.71
CA GLY B 298 -0.93 -3.54 -14.42
C GLY B 298 0.04 -2.43 -14.02
N TYR B 299 -0.46 -1.45 -13.28
CA TYR B 299 0.33 -0.28 -12.94
C TYR B 299 0.24 0.02 -11.45
N ASP B 300 1.12 0.91 -10.99
CA ASP B 300 1.16 1.36 -9.60
C ASP B 300 0.04 2.33 -9.27
N ASP B 301 -0.68 2.86 -10.26
CA ASP B 301 -1.76 3.81 -10.04
C ASP B 301 -3.10 3.11 -9.86
N PHE B 302 -3.10 1.83 -9.53
CA PHE B 302 -4.25 1.00 -9.17
C PHE B 302 -5.13 0.68 -10.37
N ASN B 303 -4.63 0.90 -11.58
CA ASN B 303 -5.38 0.66 -12.80
C ASN B 303 -4.67 -0.38 -13.65
N CYS B 304 -5.42 -1.02 -14.54
CA CYS B 304 -4.88 -2.00 -15.48
C CYS B 304 -5.28 -1.57 -16.89
N ASN B 305 -4.28 -1.17 -17.68
CA ASN B 305 -4.53 -0.63 -19.01
C ASN B 305 -4.41 -1.72 -20.06
N VAL B 306 -5.43 -1.84 -20.91
CA VAL B 306 -5.42 -2.78 -22.02
C VAL B 306 -4.90 -2.04 -23.25
N TRP B 307 -3.79 -2.52 -23.81
CA TRP B 307 -3.16 -1.89 -24.95
C TRP B 307 -3.42 -2.71 -26.22
N ASP B 308 -3.47 -2.01 -27.35
CA ASP B 308 -3.43 -2.65 -28.65
C ASP B 308 -1.97 -2.96 -28.98
N ALA B 309 -1.64 -4.24 -29.05
CA ALA B 309 -0.24 -4.63 -29.26
C ALA B 309 0.28 -4.15 -30.61
N LEU B 310 -0.56 -4.24 -31.65
CA LEU B 310 -0.12 -3.86 -32.99
C LEU B 310 -0.07 -2.35 -33.19
N LYS B 311 -1.04 -1.63 -32.63
CA LYS B 311 -1.19 -0.21 -32.91
C LYS B 311 -0.79 0.70 -31.74
N ALA B 312 -0.39 0.13 -30.60
CA ALA B 312 0.04 0.91 -29.44
C ALA B 312 -1.02 1.90 -28.98
N ASP B 313 -2.27 1.47 -29.04
CA ASP B 313 -3.40 2.26 -28.57
C ASP B 313 -3.96 1.68 -27.28
N ARG B 314 -4.27 2.56 -26.33
CA ARG B 314 -4.89 2.14 -25.07
C ARG B 314 -6.35 1.77 -25.35
N ALA B 315 -6.63 0.47 -25.38
CA ALA B 315 -7.97 0.01 -25.72
C ALA B 315 -8.96 0.19 -24.58
N GLY B 316 -8.51 0.03 -23.34
CA GLY B 316 -9.41 0.15 -22.22
C GLY B 316 -8.64 0.22 -20.92
N VAL B 317 -9.39 0.37 -19.82
CA VAL B 317 -8.83 0.49 -18.49
C VAL B 317 -9.63 -0.41 -17.56
N LEU B 318 -8.94 -1.20 -16.74
CA LEU B 318 -9.57 -1.96 -15.67
C LEU B 318 -9.28 -1.25 -14.35
N ALA B 319 -10.28 -0.53 -13.85
CA ALA B 319 -10.17 0.23 -12.60
C ALA B 319 -11.11 -0.41 -11.58
N GLY B 320 -10.59 -1.33 -10.79
CA GLY B 320 -11.39 -1.99 -9.79
C GLY B 320 -10.65 -2.32 -8.50
N HIS B 321 -9.51 -1.69 -8.29
CA HIS B 321 -8.69 -1.96 -7.11
C HIS B 321 -8.33 -0.66 -6.42
N ASP B 322 -8.21 -0.73 -5.09
CA ASP B 322 -7.89 0.43 -4.27
C ASP B 322 -6.42 0.46 -3.83
N ASN B 323 -5.60 -0.45 -4.33
CA ASN B 323 -4.18 -0.44 -4.03
C ASN B 323 -3.41 -0.93 -5.25
N ARG B 324 -2.12 -1.15 -5.09
CA ARG B 324 -1.25 -1.55 -6.19
C ARG B 324 -1.75 -2.84 -6.83
N VAL B 325 -1.83 -2.85 -8.17
CA VAL B 325 -2.05 -4.07 -8.91
C VAL B 325 -0.73 -4.82 -9.02
N SER B 326 -0.61 -5.92 -8.28
CA SER B 326 0.65 -6.66 -8.21
C SER B 326 0.78 -7.74 -9.27
N CYS B 327 -0.33 -8.24 -9.81
CA CYS B 327 -0.26 -9.35 -10.75
C CYS B 327 -1.55 -9.41 -11.56
N LEU B 328 -1.45 -10.03 -12.74
CA LEU B 328 -2.61 -10.33 -13.57
C LEU B 328 -2.26 -11.49 -14.47
N GLY B 329 -3.30 -12.14 -15.00
CA GLY B 329 -3.10 -13.28 -15.88
C GLY B 329 -4.35 -13.58 -16.69
N VAL B 330 -4.13 -14.11 -17.89
CA VAL B 330 -5.21 -14.46 -18.82
C VAL B 330 -5.28 -15.98 -18.93
N THR B 331 -6.50 -16.51 -18.93
CA THR B 331 -6.70 -17.95 -18.99
C THR B 331 -6.15 -18.51 -20.31
N ASP B 332 -5.90 -19.83 -20.31
CA ASP B 332 -5.39 -20.48 -21.51
C ASP B 332 -6.38 -20.43 -22.66
N ASP B 333 -7.67 -20.54 -22.38
CA ASP B 333 -8.68 -20.42 -23.42
C ASP B 333 -9.00 -18.97 -23.77
N GLY B 334 -8.46 -18.01 -23.04
CA GLY B 334 -8.69 -16.61 -23.34
C GLY B 334 -10.03 -16.08 -22.91
N MET B 335 -10.78 -16.82 -22.09
CA MET B 335 -12.15 -16.44 -21.78
C MET B 335 -12.22 -15.26 -20.82
N ALA B 336 -11.29 -15.21 -19.86
CA ALA B 336 -11.33 -14.19 -18.82
C ALA B 336 -9.92 -13.83 -18.42
N VAL B 337 -9.79 -12.68 -17.74
CA VAL B 337 -8.52 -12.23 -17.18
C VAL B 337 -8.72 -11.95 -15.69
N ALA B 338 -7.81 -12.44 -14.87
CA ALA B 338 -7.82 -12.20 -13.44
C ALA B 338 -6.73 -11.18 -13.09
N THR B 339 -7.06 -10.27 -12.18
CA THR B 339 -6.11 -9.28 -11.69
C THR B 339 -6.02 -9.37 -10.17
N GLY B 340 -4.79 -9.48 -9.67
CA GLY B 340 -4.56 -9.44 -8.23
C GLY B 340 -3.97 -8.11 -7.82
N SER B 341 -4.17 -7.76 -6.56
CA SER B 341 -3.82 -6.42 -6.09
C SER B 341 -3.40 -6.48 -4.64
N TRP B 342 -2.70 -5.43 -4.21
CA TRP B 342 -2.28 -5.28 -2.81
C TRP B 342 -3.44 -5.06 -1.86
N ASP B 343 -4.65 -4.82 -2.35
CA ASP B 343 -5.81 -4.67 -1.49
C ASP B 343 -6.39 -6.00 -1.02
N SER B 344 -5.73 -7.12 -1.34
CA SER B 344 -6.05 -8.47 -0.88
C SER B 344 -7.25 -9.08 -1.59
N PHE B 345 -7.63 -8.56 -2.75
CA PHE B 345 -8.76 -9.08 -3.50
C PHE B 345 -8.32 -9.49 -4.90
N LEU B 346 -8.98 -10.51 -5.44
CA LEU B 346 -8.83 -10.90 -6.84
C LEU B 346 -10.15 -10.66 -7.57
N LYS B 347 -10.05 -10.18 -8.81
CA LYS B 347 -11.21 -9.89 -9.63
C LYS B 347 -11.06 -10.56 -10.99
N ILE B 348 -12.17 -11.06 -11.52
CA ILE B 348 -12.21 -11.73 -12.82
C ILE B 348 -12.94 -10.82 -13.80
N TRP B 349 -12.33 -10.59 -14.96
CA TRP B 349 -12.86 -9.65 -15.95
C TRP B 349 -13.06 -10.36 -17.27
N ASN B 350 -14.15 -9.99 -17.96
CA ASN B 350 -14.33 -10.30 -19.38
C ASN B 350 -15.38 -9.34 -19.92
N GLY B 351 -15.46 -9.27 -21.25
CA GLY B 351 -16.39 -8.37 -21.90
C GLY B 351 -17.76 -9.00 -22.11
N SER B 352 -18.66 -8.20 -22.69
CA SER B 352 -19.99 -8.66 -23.03
C SER B 352 -20.37 -8.18 -24.42
N SER B 353 -21.16 -8.99 -25.12
CA SER B 353 -21.60 -8.66 -26.46
C SER B 353 -22.52 -7.43 -26.46
N THR C 6 41.79 -8.89 -9.43
CA THR C 6 41.95 -10.15 -10.14
C THR C 6 40.62 -10.68 -10.63
N ALA C 7 39.56 -10.38 -9.89
CA ALA C 7 38.22 -10.81 -10.29
C ALA C 7 37.79 -10.13 -11.58
N SER C 8 37.81 -8.80 -11.59
CA SER C 8 37.36 -7.96 -12.71
C SER C 8 37.80 -8.47 -14.09
N ILE C 9 39.04 -8.91 -14.21
CA ILE C 9 39.53 -9.36 -15.52
C ILE C 9 38.83 -10.64 -15.94
N ALA C 10 38.52 -11.53 -14.99
CA ALA C 10 37.80 -12.74 -15.31
C ALA C 10 36.38 -12.44 -15.78
N GLN C 11 35.71 -11.49 -15.13
CA GLN C 11 34.36 -11.11 -15.54
C GLN C 11 34.37 -10.45 -16.92
N ALA C 12 35.42 -9.68 -17.21
CA ALA C 12 35.50 -9.00 -18.51
C ALA C 12 35.58 -10.00 -19.66
N ARG C 13 36.34 -11.09 -19.48
CA ARG C 13 36.45 -12.10 -20.53
C ARG C 13 35.10 -12.75 -20.81
N LYS C 14 34.31 -13.02 -19.77
CA LYS C 14 33.01 -13.66 -19.97
C LYS C 14 32.06 -12.74 -20.72
N LEU C 15 32.05 -11.45 -20.38
CA LEU C 15 31.15 -10.51 -21.05
C LEU C 15 31.50 -10.37 -22.52
N VAL C 16 32.80 -10.30 -22.85
CA VAL C 16 33.21 -10.23 -24.25
C VAL C 16 32.83 -11.50 -24.99
N GLU C 17 33.02 -12.66 -24.35
CA GLU C 17 32.70 -13.93 -25.01
C GLU C 17 31.20 -14.04 -25.28
N GLN C 18 30.37 -13.54 -24.37
CA GLN C 18 28.93 -13.58 -24.57
C GLN C 18 28.51 -12.70 -25.76
N LEU C 19 29.12 -11.52 -25.88
CA LEU C 19 28.75 -10.62 -26.98
C LEU C 19 29.12 -11.21 -28.34
N LYS C 20 30.11 -12.09 -28.40
CA LYS C 20 30.44 -12.75 -29.66
C LYS C 20 29.32 -13.68 -30.11
N MET C 21 28.73 -14.42 -29.17
CA MET C 21 27.63 -15.32 -29.51
C MET C 21 26.41 -14.55 -29.99
N GLU C 22 26.10 -13.43 -29.35
CA GLU C 22 24.92 -12.66 -29.73
C GLU C 22 25.10 -11.95 -31.06
N ALA C 23 26.33 -11.63 -31.44
CA ALA C 23 26.58 -10.92 -32.68
C ALA C 23 26.59 -11.84 -33.91
N ASN C 24 26.55 -13.15 -33.72
CA ASN C 24 26.63 -14.10 -34.82
C ASN C 24 25.27 -14.71 -35.15
N ILE C 25 24.18 -14.18 -34.61
CA ILE C 25 22.86 -14.73 -34.86
C ILE C 25 22.31 -14.13 -36.16
N ASP C 26 21.39 -14.86 -36.78
CA ASP C 26 20.73 -14.39 -37.99
C ASP C 26 19.52 -13.54 -37.61
N ARG C 27 19.44 -12.34 -38.17
CA ARG C 27 18.37 -11.39 -37.90
C ARG C 27 17.54 -11.18 -39.16
N ILE C 28 16.23 -11.32 -39.04
CA ILE C 28 15.31 -11.02 -40.13
C ILE C 28 14.92 -9.55 -40.06
N LYS C 29 14.36 -9.05 -41.16
CA LYS C 29 13.92 -7.66 -41.23
C LYS C 29 12.76 -7.42 -40.28
N VAL C 30 12.65 -6.18 -39.79
CA VAL C 30 11.56 -5.81 -38.89
C VAL C 30 10.22 -5.91 -39.62
N SER C 31 10.20 -5.57 -40.91
CA SER C 31 8.97 -5.68 -41.68
C SER C 31 8.48 -7.12 -41.75
N LYS C 32 9.41 -8.06 -41.93
CA LYS C 32 9.04 -9.48 -41.92
C LYS C 32 8.53 -9.90 -40.55
N ALA C 33 9.20 -9.47 -39.48
CA ALA C 33 8.77 -9.81 -38.14
C ALA C 33 7.45 -9.13 -37.79
N ALA C 34 7.27 -7.87 -38.21
CA ALA C 34 6.02 -7.17 -37.95
C ALA C 34 4.85 -7.84 -38.66
N ALA C 35 5.06 -8.28 -39.90
CA ALA C 35 3.99 -8.94 -40.66
C ALA C 35 3.58 -10.24 -39.99
N ASP C 36 4.54 -11.01 -39.48
CA ASP C 36 4.20 -12.28 -38.84
C ASP C 36 3.35 -12.07 -37.60
N LEU C 37 3.69 -11.05 -36.79
CA LEU C 37 2.87 -10.75 -35.62
C LEU C 37 1.47 -10.31 -36.01
N MET C 38 1.36 -9.47 -37.05
CA MET C 38 0.06 -9.03 -37.52
C MET C 38 -0.74 -10.19 -38.11
N ALA C 39 -0.07 -11.10 -38.81
CA ALA C 39 -0.76 -12.24 -39.40
C ALA C 39 -1.33 -13.17 -38.32
N TYR C 40 -0.57 -13.41 -37.25
CA TYR C 40 -1.05 -14.29 -36.19
C TYR C 40 -2.28 -13.71 -35.49
N CYS C 41 -2.27 -12.40 -35.24
CA CYS C 41 -3.43 -11.77 -34.60
C CYS C 41 -4.67 -11.87 -35.48
N GLU C 42 -4.50 -11.68 -36.80
CA GLU C 42 -5.64 -11.76 -37.71
C GLU C 42 -6.23 -13.16 -37.74
N ALA C 43 -5.37 -14.19 -37.77
CA ALA C 43 -5.86 -15.55 -37.90
C ALA C 43 -6.64 -16.01 -36.67
N HIS C 44 -6.25 -15.55 -35.49
CA HIS C 44 -6.87 -15.98 -34.24
C HIS C 44 -7.80 -14.93 -33.65
N ALA C 45 -8.17 -13.91 -34.43
CA ALA C 45 -9.00 -12.83 -33.91
C ALA C 45 -10.38 -13.34 -33.48
N LYS C 46 -10.97 -14.24 -34.27
CA LYS C 46 -12.33 -14.70 -33.99
C LYS C 46 -12.38 -15.55 -32.73
N GLU C 47 -11.32 -16.31 -32.43
CA GLU C 47 -11.28 -17.17 -31.26
C GLU C 47 -10.66 -16.47 -30.05
N ASP C 48 -10.73 -15.14 -29.98
CA ASP C 48 -10.25 -14.39 -28.84
C ASP C 48 -11.44 -13.83 -28.07
N PRO C 49 -11.84 -14.44 -26.95
CA PRO C 49 -13.01 -13.94 -26.21
C PRO C 49 -12.84 -12.54 -25.68
N LEU C 50 -11.62 -12.15 -25.28
CA LEU C 50 -11.42 -10.79 -24.78
C LEU C 50 -11.53 -9.77 -25.90
N LEU C 51 -11.00 -10.08 -27.08
CA LEU C 51 -11.11 -9.17 -28.22
C LEU C 51 -12.55 -9.08 -28.71
N THR C 52 -13.20 -10.23 -28.91
CA THR C 52 -14.59 -10.30 -29.34
C THR C 52 -15.40 -11.03 -28.28
N PRO C 53 -16.10 -10.30 -27.40
CA PRO C 53 -16.82 -10.97 -26.32
C PRO C 53 -17.86 -11.96 -26.84
N VAL C 54 -17.95 -13.10 -26.16
CA VAL C 54 -18.83 -14.18 -26.56
C VAL C 54 -20.26 -13.88 -26.08
N PRO C 55 -21.28 -14.51 -26.64
CA PRO C 55 -22.64 -14.31 -26.12
C PRO C 55 -22.74 -14.78 -24.67
N ALA C 56 -23.65 -14.15 -23.93
CA ALA C 56 -23.79 -14.42 -22.50
C ALA C 56 -24.09 -15.89 -22.23
N SER C 57 -24.73 -16.58 -23.18
CA SER C 57 -25.01 -18.00 -23.01
C SER C 57 -23.73 -18.83 -23.00
N GLU C 58 -22.70 -18.38 -23.70
CA GLU C 58 -21.43 -19.11 -23.80
C GLU C 58 -20.38 -18.61 -22.84
N ASN C 59 -20.73 -17.66 -21.97
CA ASN C 59 -19.77 -17.08 -21.03
C ASN C 59 -19.88 -17.79 -19.69
N PRO C 60 -18.85 -18.52 -19.25
CA PRO C 60 -18.94 -19.18 -17.94
C PRO C 60 -19.04 -18.23 -16.77
N PHE C 61 -18.72 -16.95 -16.95
CA PHE C 61 -18.66 -15.97 -15.86
C PHE C 61 -19.84 -14.99 -15.91
N ARG C 62 -21.01 -15.48 -16.28
CA ARG C 62 -22.23 -14.66 -16.31
C ARG C 62 -22.42 -13.85 -15.03
N GLN D 1 20.01 1.10 -24.25
CA GLN D 1 20.81 0.60 -23.13
C GLN D 1 21.31 1.74 -22.26
N VAL D 2 21.13 1.62 -20.95
CA VAL D 2 21.56 2.66 -20.02
C VAL D 2 23.08 2.59 -19.89
N GLN D 3 23.76 3.70 -20.18
CA GLN D 3 25.21 3.77 -20.10
C GLN D 3 25.62 5.15 -19.63
N LEU D 4 26.62 5.20 -18.75
CA LEU D 4 27.16 6.44 -18.22
C LEU D 4 28.67 6.44 -18.40
N GLN D 5 29.21 7.51 -18.98
CA GLN D 5 30.64 7.62 -19.26
C GLN D 5 31.20 8.77 -18.44
N GLU D 6 32.04 8.45 -17.46
CA GLU D 6 32.72 9.46 -16.67
C GLU D 6 34.00 9.91 -17.38
N SER D 7 34.17 11.22 -17.50
CA SER D 7 35.34 11.79 -18.14
C SER D 7 35.96 12.84 -17.22
N GLY D 8 37.22 13.18 -17.51
CA GLY D 8 37.98 14.04 -16.63
C GLY D 8 38.79 13.24 -15.63
N GLY D 9 39.41 13.97 -14.70
CA GLY D 9 40.22 13.35 -13.68
C GLY D 9 41.66 13.14 -14.11
N GLY D 10 42.42 12.56 -13.19
CA GLY D 10 43.83 12.30 -13.40
C GLY D 10 44.62 12.69 -12.18
N LEU D 11 45.90 12.96 -12.39
CA LEU D 11 46.82 13.33 -11.31
C LEU D 11 46.82 14.84 -11.15
N VAL D 12 46.44 15.32 -9.96
CA VAL D 12 46.43 16.73 -9.63
C VAL D 12 47.13 16.93 -8.29
N GLN D 13 47.92 17.99 -8.19
CA GLN D 13 48.59 18.30 -6.94
C GLN D 13 47.59 18.71 -5.87
N PRO D 14 47.88 18.49 -4.60
CA PRO D 14 46.96 18.89 -3.53
C PRO D 14 46.70 20.38 -3.56
N GLY D 15 45.45 20.76 -3.30
CA GLY D 15 45.03 22.14 -3.37
C GLY D 15 44.60 22.60 -4.75
N GLY D 16 44.74 21.76 -5.78
CA GLY D 16 44.36 22.10 -7.12
C GLY D 16 42.87 21.95 -7.37
N SER D 17 42.48 22.25 -8.60
CA SER D 17 41.10 22.18 -9.02
C SER D 17 40.94 21.12 -10.10
N LEU D 18 39.78 20.47 -10.13
CA LEU D 18 39.50 19.41 -11.08
C LEU D 18 38.00 19.38 -11.37
N ARG D 19 37.66 19.15 -12.63
CA ARG D 19 36.26 19.08 -13.06
C ARG D 19 35.99 17.72 -13.67
N LEU D 20 34.92 17.06 -13.22
CA LEU D 20 34.49 15.77 -13.73
C LEU D 20 33.22 15.94 -14.55
N SER D 21 33.12 15.16 -15.63
CA SER D 21 31.96 15.19 -16.52
C SER D 21 31.41 13.78 -16.65
N CYS D 22 30.07 13.67 -16.61
CA CYS D 22 29.37 12.40 -16.77
C CYS D 22 28.42 12.52 -17.96
N ALA D 23 28.64 11.68 -18.98
CA ALA D 23 27.82 11.66 -20.17
C ALA D 23 26.76 10.58 -20.05
N ALA D 24 25.50 10.97 -20.17
CA ALA D 24 24.38 10.06 -20.00
C ALA D 24 23.78 9.70 -21.35
N SER D 25 23.39 8.44 -21.51
CA SER D 25 22.76 7.97 -22.73
C SER D 25 21.85 6.80 -22.42
N GLY D 26 20.88 6.57 -23.31
CA GLY D 26 19.97 5.45 -23.17
C GLY D 26 18.79 5.68 -22.25
N PHE D 27 18.62 6.90 -21.74
CA PHE D 27 17.47 7.22 -20.89
C PHE D 27 17.24 8.71 -20.92
N THR D 28 16.02 9.11 -20.54
CA THR D 28 15.66 10.52 -20.45
C THR D 28 16.35 11.12 -19.23
N PHE D 29 17.43 11.87 -19.47
CA PHE D 29 18.26 12.37 -18.37
C PHE D 29 17.49 13.29 -17.44
N SER D 30 16.54 14.07 -17.98
CA SER D 30 15.83 15.04 -17.16
C SER D 30 14.85 14.41 -16.19
N ASN D 31 14.55 13.11 -16.30
CA ASN D 31 13.57 12.46 -15.46
C ASN D 31 14.18 11.74 -14.26
N TYR D 32 15.49 11.83 -14.07
CA TYR D 32 16.17 11.03 -13.06
C TYR D 32 17.04 11.91 -12.18
N LYS D 33 17.07 11.61 -10.88
CA LYS D 33 18.03 12.20 -9.97
C LYS D 33 19.39 11.53 -10.15
N MET D 34 20.45 12.34 -10.15
CA MET D 34 21.80 11.87 -10.40
C MET D 34 22.65 12.00 -9.14
N ASN D 35 23.61 11.08 -9.00
CA ASN D 35 24.45 11.00 -7.81
C ASN D 35 25.91 10.89 -8.22
N TRP D 36 26.79 11.31 -7.31
CA TRP D 36 28.22 11.08 -7.43
C TRP D 36 28.68 10.19 -6.29
N VAL D 37 29.37 9.10 -6.63
CA VAL D 37 29.81 8.09 -5.67
C VAL D 37 31.30 7.84 -5.90
N ARG D 38 32.06 7.74 -4.82
CA ARG D 38 33.49 7.49 -4.89
C ARG D 38 33.84 6.29 -4.02
N GLN D 39 34.96 5.66 -4.36
CA GLN D 39 35.47 4.49 -3.64
C GLN D 39 36.95 4.70 -3.37
N ALA D 40 37.29 5.02 -2.12
CA ALA D 40 38.68 5.18 -1.75
C ALA D 40 39.38 3.81 -1.73
N PRO D 41 40.68 3.78 -2.00
CA PRO D 41 41.41 2.50 -1.95
C PRO D 41 41.33 1.88 -0.55
N GLY D 42 41.04 0.59 -0.52
CA GLY D 42 40.88 -0.11 0.74
C GLY D 42 39.57 0.16 1.46
N LYS D 43 38.65 0.89 0.85
CA LYS D 43 37.37 1.23 1.45
C LYS D 43 36.24 0.98 0.47
N GLY D 44 35.03 0.89 1.00
CA GLY D 44 33.86 0.71 0.16
C GLY D 44 33.37 2.00 -0.46
N LEU D 45 32.40 1.86 -1.35
CA LEU D 45 31.81 3.02 -2.01
C LEU D 45 31.08 3.90 -1.01
N GLU D 46 31.16 5.21 -1.22
CA GLU D 46 30.48 6.17 -0.37
C GLU D 46 29.83 7.25 -1.25
N TRP D 47 28.69 7.75 -0.77
CA TRP D 47 27.96 8.79 -1.49
C TRP D 47 28.59 10.15 -1.25
N VAL D 48 28.73 10.92 -2.33
CA VAL D 48 29.36 12.24 -2.28
C VAL D 48 28.33 13.36 -2.41
N SER D 49 27.56 13.37 -3.50
CA SER D 49 26.59 14.43 -3.72
C SER D 49 25.50 13.93 -4.65
N ASP D 50 24.35 14.59 -4.61
CA ASP D 50 23.25 14.32 -5.51
C ASP D 50 22.60 15.64 -5.92
N ILE D 51 21.92 15.61 -7.06
CA ILE D 51 21.21 16.78 -7.58
C ILE D 51 19.85 16.32 -8.10
N SER D 52 18.81 17.08 -7.79
CA SER D 52 17.46 16.71 -8.15
C SER D 52 17.25 16.77 -9.66
N GLN D 53 16.04 16.46 -10.10
CA GLN D 53 15.74 16.42 -11.53
C GLN D 53 15.90 17.79 -12.17
N SER D 54 15.40 18.83 -11.51
CA SER D 54 15.46 20.19 -12.02
C SER D 54 16.66 20.97 -11.49
N GLY D 55 17.48 20.38 -10.63
CA GLY D 55 18.60 21.07 -10.04
C GLY D 55 18.27 21.93 -8.84
N ALA D 56 17.01 21.97 -8.42
CA ALA D 56 16.63 22.81 -7.28
C ALA D 56 17.22 22.27 -5.98
N SER D 57 17.18 20.95 -5.78
CA SER D 57 17.66 20.34 -4.55
C SER D 57 19.06 19.78 -4.77
N ILE D 58 19.99 20.14 -3.88
CA ILE D 58 21.38 19.71 -3.97
C ILE D 58 21.86 19.35 -2.57
N SER D 59 22.59 18.24 -2.46
CA SER D 59 23.12 17.77 -1.19
C SER D 59 24.59 17.40 -1.36
N TYR D 60 25.31 17.41 -0.24
CA TYR D 60 26.72 17.05 -0.23
C TYR D 60 27.04 16.27 1.03
N THR D 61 28.13 15.51 0.97
CA THR D 61 28.70 14.91 2.17
C THR D 61 29.50 15.96 2.94
N GLY D 62 29.46 15.87 4.27
CA GLY D 62 30.12 16.86 5.09
C GLY D 62 31.62 16.93 4.89
N SER D 63 32.25 15.85 4.43
CA SER D 63 33.69 15.86 4.20
C SER D 63 34.08 16.68 2.98
N VAL D 64 33.16 16.86 2.03
CA VAL D 64 33.42 17.62 0.81
C VAL D 64 32.56 18.87 0.70
N LYS D 65 31.77 19.18 1.72
CA LYS D 65 30.92 20.37 1.67
C LYS D 65 31.77 21.63 1.64
N GLY D 66 31.40 22.56 0.76
CA GLY D 66 32.14 23.79 0.60
C GLY D 66 33.30 23.73 -0.37
N ARG D 67 33.62 22.54 -0.90
CA ARG D 67 34.69 22.37 -1.85
C ARG D 67 34.25 21.73 -3.16
N PHE D 68 33.19 20.94 -3.14
CA PHE D 68 32.67 20.28 -4.34
C PHE D 68 31.36 20.93 -4.77
N THR D 69 31.20 21.10 -6.08
CA THR D 69 29.99 21.64 -6.65
C THR D 69 29.50 20.71 -7.75
N ILE D 70 28.22 20.33 -7.68
CA ILE D 70 27.60 19.40 -8.62
C ILE D 70 26.57 20.16 -9.44
N SER D 71 26.60 19.97 -10.75
CA SER D 71 25.65 20.60 -11.65
C SER D 71 25.31 19.63 -12.78
N ARG D 72 24.15 19.84 -13.38
CA ARG D 72 23.68 19.00 -14.47
C ARG D 72 23.14 19.86 -15.60
N ASP D 73 23.19 19.32 -16.82
CA ASP D 73 22.68 20.00 -18.01
C ASP D 73 21.72 19.03 -18.70
N ASN D 74 20.42 19.22 -18.44
CA ASN D 74 19.42 18.30 -19.00
C ASN D 74 19.42 18.34 -20.53
N ALA D 75 19.55 19.55 -21.11
CA ALA D 75 19.61 19.65 -22.56
C ALA D 75 20.84 18.94 -23.12
N LYS D 76 21.99 19.10 -22.46
CA LYS D 76 23.22 18.43 -22.88
C LYS D 76 23.31 16.99 -22.41
N ASN D 77 22.40 16.54 -21.53
CA ASN D 77 22.39 15.18 -21.00
C ASN D 77 23.71 14.86 -20.30
N THR D 78 24.25 15.86 -19.59
CA THR D 78 25.58 15.75 -18.99
C THR D 78 25.52 16.17 -17.53
N LEU D 79 26.35 15.53 -16.71
CA LEU D 79 26.46 15.81 -15.29
C LEU D 79 27.88 16.25 -14.98
N TYR D 80 28.02 17.25 -14.12
CA TYR D 80 29.31 17.83 -13.80
C TYR D 80 29.56 17.79 -12.30
N LEU D 81 30.84 17.76 -11.94
CA LEU D 81 31.27 17.82 -10.54
C LEU D 81 32.53 18.66 -10.47
N GLN D 82 32.42 19.88 -9.97
CA GLN D 82 33.58 20.77 -9.83
C GLN D 82 34.25 20.51 -8.49
N MET D 83 35.52 20.15 -8.53
CA MET D 83 36.30 19.79 -7.34
C MET D 83 37.49 20.73 -7.23
N ASN D 84 37.37 21.75 -6.39
CA ASN D 84 38.46 22.70 -6.13
C ASN D 84 38.96 22.52 -4.70
N SER D 85 40.19 22.98 -4.47
CA SER D 85 40.86 22.85 -3.17
C SER D 85 40.92 21.38 -2.74
N LEU D 86 41.41 20.54 -3.64
CA LEU D 86 41.42 19.10 -3.39
C LEU D 86 42.42 18.74 -2.30
N LYS D 87 42.18 17.57 -1.69
CA LYS D 87 42.96 17.05 -0.58
C LYS D 87 43.40 15.63 -0.89
N PRO D 88 44.54 15.19 -0.33
CA PRO D 88 44.98 13.81 -0.59
C PRO D 88 44.01 12.74 -0.12
N GLU D 89 43.11 13.08 0.80
CA GLU D 89 42.07 12.14 1.22
C GLU D 89 40.97 11.97 0.18
N ASP D 90 40.96 12.79 -0.87
CA ASP D 90 39.97 12.69 -1.93
C ASP D 90 40.41 11.77 -3.07
N THR D 91 41.57 11.13 -2.96
CA THR D 91 42.04 10.22 -4.00
C THR D 91 41.15 8.97 -4.00
N ALA D 92 40.34 8.82 -5.04
CA ALA D 92 39.39 7.72 -5.13
C ALA D 92 38.92 7.60 -6.57
N VAL D 93 38.25 6.48 -6.85
CA VAL D 93 37.58 6.28 -8.14
C VAL D 93 36.16 6.82 -8.03
N TYR D 94 35.84 7.82 -8.84
CA TYR D 94 34.55 8.50 -8.78
C TYR D 94 33.59 7.90 -9.79
N TYR D 95 32.35 7.67 -9.35
CA TYR D 95 31.35 6.98 -10.14
C TYR D 95 30.14 7.88 -10.31
N CYS D 96 29.55 7.84 -11.50
CA CYS D 96 28.32 8.57 -11.82
C CYS D 96 27.16 7.60 -11.69
N ALA D 97 26.34 7.78 -10.66
CA ALA D 97 25.26 6.86 -10.33
C ALA D 97 23.91 7.52 -10.57
N ARG D 98 23.02 6.80 -11.25
CA ARG D 98 21.66 7.25 -11.50
C ARG D 98 20.71 6.54 -10.55
N CYS D 99 19.72 7.28 -10.04
CA CYS D 99 18.70 6.66 -9.19
C CYS D 99 17.88 5.68 -10.01
N PRO D 100 17.48 4.55 -9.42
CA PRO D 100 16.89 3.46 -10.22
C PRO D 100 15.60 3.83 -10.94
N ALA D 101 14.76 4.69 -10.36
CA ALA D 101 13.47 4.94 -10.96
C ALA D 101 13.25 6.43 -11.17
N PRO D 102 12.49 6.80 -12.20
CA PRO D 102 12.21 8.22 -12.45
C PRO D 102 11.07 8.74 -11.60
N PHE D 103 11.05 10.06 -11.43
CA PHE D 103 10.00 10.76 -10.70
C PHE D 103 9.88 10.24 -9.26
N THR D 104 11.03 10.04 -8.62
CA THR D 104 11.07 9.58 -7.24
C THR D 104 11.99 10.47 -6.43
N ARG D 105 11.68 10.57 -5.13
CA ARG D 105 12.52 11.31 -4.20
C ARG D 105 13.56 10.41 -3.53
N ASP D 106 13.29 9.12 -3.41
CA ASP D 106 14.24 8.18 -2.84
C ASP D 106 15.28 7.76 -3.88
N CYS D 107 16.41 7.27 -3.38
CA CYS D 107 17.50 6.79 -4.22
C CYS D 107 18.20 5.69 -3.43
N PHE D 108 17.84 4.43 -3.71
CA PHE D 108 18.13 3.36 -2.77
C PHE D 108 19.55 2.81 -2.92
N ASP D 109 19.87 2.23 -4.08
CA ASP D 109 21.01 1.33 -4.20
C ASP D 109 22.13 1.89 -5.07
N VAL D 110 22.25 3.22 -5.14
CA VAL D 110 23.32 3.82 -5.95
C VAL D 110 24.68 3.49 -5.35
N THR D 111 24.77 3.47 -4.02
CA THR D 111 26.01 3.16 -3.32
C THR D 111 26.05 1.68 -2.93
N SER D 112 25.95 0.82 -3.94
CA SER D 112 25.96 -0.62 -3.75
C SER D 112 27.12 -1.24 -4.54
N THR D 113 27.49 -2.45 -4.12
CA THR D 113 28.67 -3.11 -4.69
C THR D 113 28.52 -3.34 -6.18
N THR D 114 27.36 -3.84 -6.60
CA THR D 114 27.08 -4.13 -8.02
C THR D 114 25.77 -3.43 -8.37
N TYR D 115 25.88 -2.23 -8.93
CA TYR D 115 24.73 -1.42 -9.33
C TYR D 115 24.71 -1.29 -10.85
N ALA D 116 23.56 -1.60 -11.44
CA ALA D 116 23.47 -1.69 -12.89
C ALA D 116 23.56 -0.32 -13.56
N TYR D 117 23.01 0.72 -12.93
CA TYR D 117 22.91 2.04 -13.52
C TYR D 117 24.03 2.96 -13.05
N ARG D 118 25.22 2.41 -12.85
CA ARG D 118 26.40 3.17 -12.46
C ARG D 118 27.49 2.97 -13.50
N GLY D 119 28.22 4.04 -13.80
CA GLY D 119 29.22 4.01 -14.85
C GLY D 119 30.48 3.28 -14.43
N GLN D 120 31.42 3.21 -15.38
CA GLN D 120 32.67 2.51 -15.13
C GLN D 120 33.54 3.26 -14.13
N GLY D 121 33.43 4.57 -14.06
CA GLY D 121 34.19 5.33 -13.09
C GLY D 121 35.42 5.98 -13.68
N THR D 122 35.87 7.07 -13.05
CA THR D 122 37.07 7.77 -13.45
C THR D 122 38.01 7.87 -12.26
N GLN D 123 39.32 7.77 -12.53
CA GLN D 123 40.32 7.75 -11.48
C GLN D 123 40.79 9.16 -11.17
N VAL D 124 40.69 9.55 -9.91
CA VAL D 124 41.16 10.86 -9.43
C VAL D 124 42.23 10.62 -8.39
N THR D 125 43.42 11.19 -8.62
CA THR D 125 44.54 11.05 -7.71
C THR D 125 45.01 12.44 -7.27
N VAL D 126 45.18 12.62 -5.97
CA VAL D 126 45.58 13.91 -5.41
C VAL D 126 46.95 13.85 -4.75
N SER D 127 47.44 12.67 -4.38
CA SER D 127 48.74 12.57 -3.71
C SER D 127 49.85 13.11 -4.61
N SER D 128 50.74 13.90 -4.00
CA SER D 128 51.84 14.50 -4.74
C SER D 128 52.92 13.47 -5.04
N THR E 100 -50.29 28.36 23.66
CA THR E 100 -50.94 27.43 22.75
C THR E 100 -50.77 27.87 21.31
N ASP E 101 -51.17 29.11 21.02
CA ASP E 101 -51.03 29.64 19.67
C ASP E 101 -49.57 29.77 19.27
N PHE E 102 -48.71 30.18 20.21
CA PHE E 102 -47.29 30.31 19.90
C PHE E 102 -46.67 28.97 19.56
N ARG E 103 -47.07 27.91 20.28
CA ARG E 103 -46.51 26.58 20.04
C ARG E 103 -46.77 26.10 18.62
N TYR E 104 -47.94 26.45 18.07
CA TYR E 104 -48.21 26.14 16.66
C TYR E 104 -47.24 26.85 15.74
N PHE E 105 -46.96 28.13 16.03
CA PHE E 105 -46.08 28.90 15.16
C PHE E 105 -44.62 28.53 15.35
N ILE E 106 -44.22 28.20 16.59
CA ILE E 106 -42.83 27.87 16.85
C ILE E 106 -42.42 26.61 16.10
N TYR E 107 -43.28 25.58 16.15
CA TYR E 107 -42.98 24.33 15.45
C TYR E 107 -42.92 24.54 13.94
N ALA E 108 -43.87 25.31 13.39
CA ALA E 108 -43.91 25.51 11.95
C ALA E 108 -42.68 26.23 11.45
N VAL E 109 -42.24 27.28 12.16
CA VAL E 109 -41.07 28.04 11.72
C VAL E 109 -39.80 27.20 11.84
N THR E 110 -39.64 26.50 12.97
CA THR E 110 -38.40 25.77 13.23
C THR E 110 -38.25 24.59 12.27
N TYR E 111 -39.32 23.81 12.10
CA TYR E 111 -39.23 22.61 11.27
C TYR E 111 -38.90 22.94 9.82
N THR E 112 -39.37 24.09 9.33
CA THR E 112 -39.01 24.52 7.97
C THR E 112 -37.52 24.84 7.89
N VAL E 113 -36.95 25.42 8.94
CA VAL E 113 -35.53 25.74 8.95
C VAL E 113 -34.70 24.47 8.87
N ILE E 114 -35.07 23.45 9.65
CA ILE E 114 -34.32 22.20 9.64
C ILE E 114 -34.61 21.35 8.41
N LEU E 115 -35.69 21.64 7.68
CA LEU E 115 -36.13 20.77 6.59
C LEU E 115 -35.10 20.72 5.46
N VAL E 116 -34.53 21.87 5.10
CA VAL E 116 -33.64 21.95 3.95
C VAL E 116 -32.27 21.33 4.26
N PRO E 117 -31.53 21.77 5.28
CA PRO E 117 -30.23 21.15 5.55
C PRO E 117 -30.32 19.68 5.93
N GLY E 118 -31.41 19.26 6.58
CA GLY E 118 -31.55 17.87 6.96
C GLY E 118 -31.61 16.94 5.76
N LEU E 119 -32.40 17.32 4.75
CA LEU E 119 -32.46 16.53 3.52
C LEU E 119 -31.14 16.59 2.75
N ILE E 120 -30.57 17.79 2.61
CA ILE E 120 -29.31 17.93 1.88
C ILE E 120 -28.18 17.25 2.63
N GLY E 121 -28.13 17.42 3.95
CA GLY E 121 -27.02 16.90 4.72
C GLY E 121 -26.98 15.38 4.75
N ASN E 122 -28.14 14.73 4.88
CA ASN E 122 -28.18 13.29 5.06
C ASN E 122 -28.17 12.52 3.73
N ILE E 123 -28.87 13.03 2.72
CA ILE E 123 -28.87 12.35 1.42
C ILE E 123 -27.48 12.39 0.79
N LEU E 124 -26.81 13.54 0.86
CA LEU E 124 -25.46 13.63 0.33
C LEU E 124 -24.50 12.74 1.12
N ALA E 125 -24.69 12.67 2.44
CA ALA E 125 -23.83 11.83 3.27
C ALA E 125 -23.98 10.36 2.91
N LEU E 126 -25.21 9.91 2.69
CA LEU E 126 -25.44 8.50 2.33
C LEU E 126 -24.80 8.16 0.99
N TRP E 127 -24.86 9.09 0.03
CA TRP E 127 -24.22 8.85 -1.26
C TRP E 127 -22.70 8.73 -1.09
N VAL E 128 -22.12 9.56 -0.23
CA VAL E 128 -20.69 9.45 0.05
C VAL E 128 -20.39 8.16 0.80
N PHE E 129 -21.29 7.76 1.71
CA PHE E 129 -21.08 6.51 2.44
C PHE E 129 -21.07 5.32 1.51
N TYR E 130 -21.97 5.30 0.52
CA TYR E 130 -21.99 4.21 -0.46
C TYR E 130 -20.68 4.17 -1.25
N GLY E 131 -20.19 5.35 -1.65
CA GLY E 131 -18.91 5.40 -2.36
C GLY E 131 -17.76 4.99 -1.47
N TYR E 132 -17.81 5.36 -0.19
CA TYR E 132 -16.76 4.98 0.75
C TYR E 132 -16.70 3.46 0.92
N MET E 133 -17.86 2.81 1.02
CA MET E 133 -17.88 1.36 1.18
C MET E 133 -17.39 0.65 -0.07
N LYS E 134 -17.71 1.20 -1.24
CA LYS E 134 -17.28 0.58 -2.50
C LYS E 134 -15.78 0.72 -2.71
N GLU E 135 -15.18 1.82 -2.25
CA GLU E 135 -13.77 2.08 -2.51
C GLU E 135 -12.87 1.33 -1.53
N THR E 136 -12.96 1.67 -0.25
CA THR E 136 -12.04 1.13 0.75
C THR E 136 -12.57 -0.13 1.43
N LYS E 137 -13.83 -0.50 1.20
CA LYS E 137 -14.42 -1.71 1.78
C LYS E 137 -14.31 -1.72 3.30
N ARG E 138 -14.57 -0.59 3.92
CA ARG E 138 -14.56 -0.45 5.37
C ARG E 138 -15.95 -0.06 5.86
N ALA E 139 -16.33 -0.59 7.02
CA ALA E 139 -17.69 -0.46 7.52
C ALA E 139 -17.95 0.94 8.05
N VAL E 140 -19.08 1.52 7.65
CA VAL E 140 -19.55 2.79 8.19
C VAL E 140 -20.94 2.59 8.78
N ILE E 141 -21.17 1.40 9.35
CA ILE E 141 -22.51 1.01 9.80
C ILE E 141 -23.10 2.03 10.75
N PHE E 142 -22.30 2.46 11.74
CA PHE E 142 -22.80 3.44 12.70
C PHE E 142 -23.07 4.79 12.06
N MET E 143 -22.22 5.21 11.13
CA MET E 143 -22.45 6.48 10.44
C MET E 143 -23.67 6.42 9.54
N ILE E 144 -23.87 5.30 8.84
CA ILE E 144 -25.02 5.18 7.94
C ILE E 144 -26.32 5.15 8.75
N ASN E 145 -26.36 4.33 9.82
CA ASN E 145 -27.57 4.23 10.62
C ASN E 145 -27.94 5.56 11.26
N LEU E 146 -26.93 6.32 11.70
CA LEU E 146 -27.20 7.66 12.23
C LEU E 146 -27.79 8.56 11.15
N ALA E 147 -27.24 8.49 9.93
CA ALA E 147 -27.76 9.31 8.85
C ALA E 147 -29.17 8.90 8.46
N ILE E 148 -29.43 7.60 8.41
CA ILE E 148 -30.77 7.12 8.08
C ILE E 148 -31.77 7.53 9.16
N ALA E 149 -31.39 7.39 10.43
CA ALA E 149 -32.30 7.77 11.51
C ALA E 149 -32.60 9.26 11.47
N ASP E 150 -31.59 10.09 11.18
CA ASP E 150 -31.84 11.52 11.04
C ASP E 150 -32.64 11.82 9.78
N LEU E 151 -32.41 11.06 8.70
CA LEU E 151 -33.14 11.30 7.46
C LEU E 151 -34.63 11.05 7.62
N LEU E 152 -35.00 9.98 8.31
CA LEU E 152 -36.42 9.68 8.51
C LEU E 152 -37.08 10.71 9.42
N GLN E 153 -36.35 11.21 10.42
CA GLN E 153 -36.91 12.22 11.30
C GLN E 153 -37.21 13.50 10.53
N VAL E 154 -36.33 13.89 9.60
CA VAL E 154 -36.58 15.05 8.76
C VAL E 154 -37.73 14.78 7.80
N LEU E 155 -37.82 13.55 7.27
CA LEU E 155 -38.89 13.22 6.35
C LEU E 155 -40.27 13.26 7.01
N SER E 156 -40.32 13.17 8.35
CA SER E 156 -41.59 13.27 9.05
C SER E 156 -42.05 14.71 9.24
N LEU E 157 -41.23 15.69 8.86
CA LEU E 157 -41.54 17.10 9.02
C LEU E 157 -42.51 17.62 7.95
N PRO E 158 -42.31 17.33 6.66
CA PRO E 158 -43.21 17.92 5.64
C PRO E 158 -44.68 17.65 5.89
N LEU E 159 -45.03 16.44 6.34
CA LEU E 159 -46.40 16.17 6.74
C LEU E 159 -46.76 16.94 8.01
N ARG E 160 -45.80 17.06 8.94
CA ARG E 160 -46.07 17.75 10.18
C ARG E 160 -46.17 19.26 9.98
N ILE E 161 -45.39 19.81 9.05
CA ILE E 161 -45.45 21.25 8.75
C ILE E 161 -46.81 21.60 8.18
N PHE E 162 -47.39 20.70 7.38
CA PHE E 162 -48.69 20.96 6.76
C PHE E 162 -49.77 21.17 7.82
N TYR E 163 -49.72 20.40 8.91
CA TYR E 163 -50.73 20.51 9.95
C TYR E 163 -50.70 21.90 10.60
N TYR E 164 -49.50 22.40 10.91
CA TYR E 164 -49.40 23.67 11.60
C TYR E 164 -49.70 24.87 10.71
N LEU E 165 -49.62 24.70 9.39
CA LEU E 165 -49.96 25.76 8.46
C LEU E 165 -51.41 25.74 8.01
N ASN E 166 -52.18 24.72 8.42
CA ASN E 166 -53.59 24.62 8.03
C ASN E 166 -54.53 24.29 9.16
N HIS E 167 -54.03 23.83 10.32
CA HIS E 167 -54.85 23.48 11.48
C HIS E 167 -55.89 22.41 11.13
N ASP E 168 -55.55 21.52 10.21
CA ASP E 168 -56.45 20.46 9.78
C ASP E 168 -55.64 19.27 9.32
N TRP E 169 -56.14 18.06 9.59
CA TRP E 169 -55.48 16.82 9.23
C TRP E 169 -56.47 15.95 8.47
N PRO E 170 -56.63 16.17 7.16
CA PRO E 170 -57.56 15.36 6.37
C PRO E 170 -57.00 14.03 5.89
N PHE E 171 -55.86 13.59 6.43
CA PHE E 171 -55.21 12.36 5.99
C PHE E 171 -55.61 11.14 6.80
N GLY E 172 -56.51 11.30 7.78
CA GLY E 172 -57.00 10.18 8.55
C GLY E 172 -56.19 9.95 9.81
N PRO E 173 -56.84 9.43 10.85
CA PRO E 173 -56.14 9.17 12.11
C PRO E 173 -55.04 8.13 12.00
N GLY E 174 -55.12 7.22 11.02
CA GLY E 174 -54.10 6.20 10.89
C GLY E 174 -52.74 6.77 10.51
N LEU E 175 -52.71 7.72 9.57
CA LEU E 175 -51.45 8.32 9.17
C LEU E 175 -50.87 9.22 10.27
N CYS E 176 -51.74 9.88 11.04
CA CYS E 176 -51.26 10.74 12.11
C CYS E 176 -50.51 9.95 13.16
N MET E 177 -51.01 8.78 13.54
CA MET E 177 -50.36 7.94 14.54
C MET E 177 -49.05 7.35 14.04
N PHE E 178 -48.76 7.43 12.75
CA PHE E 178 -47.48 6.98 12.23
C PHE E 178 -46.47 8.12 12.12
N CYS E 179 -46.90 9.27 11.59
CA CYS E 179 -46.01 10.42 11.48
C CYS E 179 -45.62 10.94 12.86
N PHE E 180 -46.56 10.93 13.80
CA PHE E 180 -46.22 11.30 15.18
C PHE E 180 -45.25 10.29 15.79
N TYR E 181 -45.45 9.01 15.49
CA TYR E 181 -44.55 7.98 16.01
C TYR E 181 -43.21 7.97 15.28
N LEU E 182 -43.19 8.42 14.02
CA LEU E 182 -41.97 8.34 13.23
C LEU E 182 -40.88 9.28 13.77
N LYS E 183 -41.26 10.47 14.21
CA LYS E 183 -40.27 11.44 14.66
C LYS E 183 -39.54 10.96 15.91
N TYR E 184 -40.30 10.49 16.91
CA TYR E 184 -39.69 10.13 18.19
C TYR E 184 -38.97 8.79 18.13
N VAL E 185 -39.43 7.86 17.30
CA VAL E 185 -38.73 6.59 17.17
C VAL E 185 -37.36 6.79 16.52
N ASN E 186 -37.21 7.84 15.72
CA ASN E 186 -35.93 8.18 15.11
C ASN E 186 -35.09 9.11 15.96
N MET E 187 -35.70 9.84 16.89
CA MET E 187 -34.93 10.69 17.79
C MET E 187 -34.10 9.85 18.76
N TYR E 188 -34.73 8.85 19.39
CA TYR E 188 -33.99 7.94 20.25
C TYR E 188 -33.14 6.96 19.46
N ALA E 189 -33.48 6.73 18.19
CA ALA E 189 -32.59 5.96 17.32
C ALA E 189 -31.28 6.70 17.07
N SER E 190 -31.36 8.01 16.83
CA SER E 190 -30.15 8.81 16.67
C SER E 190 -29.34 8.83 17.95
N ILE E 191 -30.01 8.92 19.10
CA ILE E 191 -29.33 8.88 20.39
C ILE E 191 -28.59 7.56 20.55
N TYR E 192 -29.21 6.46 20.11
CA TYR E 192 -28.59 5.15 20.25
C TYR E 192 -27.29 5.06 19.46
N PHE E 193 -27.27 5.59 18.23
CA PHE E 193 -26.07 5.52 17.40
C PHE E 193 -25.09 6.65 17.66
N LEU E 194 -25.48 7.67 18.44
CA LEU E 194 -24.49 8.61 18.96
C LEU E 194 -23.68 7.99 20.07
N VAL E 195 -24.31 7.13 20.88
CA VAL E 195 -23.57 6.38 21.89
C VAL E 195 -22.68 5.34 21.24
N CYS E 196 -23.18 4.69 20.18
CA CYS E 196 -22.38 3.67 19.49
C CYS E 196 -21.11 4.27 18.92
N ILE E 197 -21.21 5.46 18.32
CA ILE E 197 -20.02 6.14 17.83
C ILE E 197 -19.10 6.52 18.99
N SER E 198 -19.69 7.00 20.09
CA SER E 198 -18.89 7.39 21.25
C SER E 198 -18.14 6.21 21.85
N VAL E 199 -18.81 5.07 21.99
CA VAL E 199 -18.16 3.89 22.55
C VAL E 199 -17.12 3.34 21.58
N ARG E 200 -17.42 3.37 20.28
CA ARG E 200 -16.46 2.90 19.29
C ARG E 200 -15.19 3.76 19.29
N ARG E 201 -15.36 5.08 19.34
CA ARG E 201 -14.19 5.97 19.39
C ARG E 201 -13.38 5.74 20.66
N PHE E 202 -14.06 5.55 21.78
CA PHE E 202 -13.38 5.21 23.03
C PHE E 202 -12.60 3.91 22.91
N TRP E 203 -13.09 2.96 22.11
CA TRP E 203 -12.49 1.63 22.10
C TRP E 203 -11.13 1.61 21.42
N PHE E 204 -10.99 2.27 20.26
CA PHE E 204 -9.73 2.21 19.54
C PHE E 204 -8.77 3.34 19.91
N LEU E 205 -9.21 4.31 20.72
CA LEU E 205 -8.30 5.35 21.20
C LEU E 205 -7.82 5.12 22.62
N MET E 206 -8.58 4.37 23.43
CA MET E 206 -8.12 4.00 24.77
C MET E 206 -7.45 2.65 24.79
N TYR E 207 -7.87 1.73 23.92
CA TYR E 207 -7.25 0.40 23.77
C TYR E 207 -6.94 0.18 22.30
N PRO E 208 -5.91 0.83 21.77
CA PRO E 208 -5.60 0.67 20.34
C PRO E 208 -5.23 -0.77 19.96
N PHE E 209 -4.56 -1.50 20.85
CA PHE E 209 -4.11 -2.85 20.52
C PHE E 209 -5.22 -3.88 20.60
N ARG E 210 -6.32 -3.58 21.28
CA ARG E 210 -7.44 -4.50 21.40
C ARG E 210 -8.58 -4.16 20.44
N PHE E 211 -8.25 -3.66 19.25
CA PHE E 211 -9.27 -3.31 18.25
C PHE E 211 -8.67 -3.61 16.87
N HIS E 212 -8.98 -4.78 16.34
CA HIS E 212 -8.52 -5.19 15.03
C HIS E 212 -9.66 -5.00 14.01
N ASP E 213 -9.37 -5.37 12.77
CA ASP E 213 -10.42 -5.35 11.75
C ASP E 213 -11.50 -6.37 12.06
N CYS E 214 -11.12 -7.54 12.57
CA CYS E 214 -12.07 -8.57 12.95
C CYS E 214 -12.80 -8.27 14.25
N LYS E 215 -12.35 -7.28 15.01
CA LYS E 215 -13.06 -6.88 16.23
C LYS E 215 -14.40 -6.25 15.92
N GLN E 216 -14.64 -5.84 14.68
CA GLN E 216 -15.93 -5.29 14.26
C GLN E 216 -16.97 -6.38 14.03
N LYS E 217 -16.71 -7.61 14.45
CA LYS E 217 -17.73 -8.64 14.44
C LYS E 217 -18.82 -8.33 15.45
N TYR E 218 -20.02 -8.86 15.18
CA TYR E 218 -21.21 -8.61 16.00
C TYR E 218 -21.58 -7.12 16.03
N ASP E 219 -21.22 -6.40 14.96
CA ASP E 219 -21.59 -4.99 14.83
C ASP E 219 -22.93 -4.83 14.13
N LEU E 220 -23.20 -5.65 13.11
CA LEU E 220 -24.51 -5.63 12.48
C LEU E 220 -25.60 -6.10 13.44
N TYR E 221 -25.23 -6.94 14.41
CA TYR E 221 -26.19 -7.39 15.42
C TYR E 221 -26.51 -6.30 16.43
N ILE E 222 -25.75 -5.22 16.46
CA ILE E 222 -26.01 -4.11 17.37
C ILE E 222 -27.00 -3.12 16.78
N SER E 223 -26.80 -2.76 15.51
CA SER E 223 -27.71 -1.82 14.85
C SER E 223 -29.11 -2.43 14.71
N ILE E 224 -29.18 -3.70 14.32
CA ILE E 224 -30.48 -4.36 14.17
C ILE E 224 -31.19 -4.45 15.51
N ALA E 225 -30.46 -4.87 16.55
CA ALA E 225 -31.05 -4.96 17.89
C ALA E 225 -31.43 -3.58 18.40
N GLY E 226 -30.65 -2.56 18.07
CA GLY E 226 -30.98 -1.22 18.52
C GLY E 226 -32.29 -0.71 17.95
N TRP E 227 -32.48 -0.89 16.64
CA TRP E 227 -33.72 -0.45 16.02
C TRP E 227 -34.92 -1.22 16.54
N LEU E 228 -34.79 -2.55 16.69
CA LEU E 228 -35.94 -3.37 17.05
C LEU E 228 -36.46 -3.03 18.44
N ILE E 229 -35.56 -2.86 19.41
CA ILE E 229 -35.98 -2.53 20.77
C ILE E 229 -36.54 -1.12 20.83
N ILE E 230 -35.89 -0.18 20.14
CA ILE E 230 -36.37 1.20 20.13
C ILE E 230 -37.73 1.29 19.45
N CYS E 231 -37.88 0.62 18.30
CA CYS E 231 -39.17 0.62 17.61
C CYS E 231 -40.26 -0.05 18.42
N LEU E 232 -39.89 -0.88 19.40
CA LEU E 232 -40.85 -1.51 20.28
C LEU E 232 -41.16 -0.64 21.50
N ALA E 233 -40.12 -0.09 22.13
CA ALA E 233 -40.33 0.70 23.33
C ALA E 233 -40.91 2.08 23.04
N CYS E 234 -40.71 2.61 21.84
CA CYS E 234 -41.23 3.92 21.48
C CYS E 234 -42.67 3.86 21.00
N VAL E 235 -43.30 2.69 20.96
CA VAL E 235 -44.70 2.57 20.57
C VAL E 235 -45.63 3.25 21.57
N LEU E 236 -45.13 3.64 22.73
CA LEU E 236 -45.96 4.31 23.72
C LEU E 236 -46.33 5.73 23.30
N PHE E 237 -45.57 6.34 22.40
CA PHE E 237 -45.89 7.70 21.98
C PHE E 237 -47.25 7.81 21.31
N PRO E 238 -47.61 6.97 20.33
CA PRO E 238 -49.01 7.01 19.84
C PRO E 238 -49.98 6.21 20.69
N LEU E 239 -49.50 5.26 21.49
CA LEU E 239 -50.40 4.47 22.32
C LEU E 239 -50.94 5.27 23.49
N LEU E 240 -50.12 6.13 24.08
CA LEU E 240 -50.54 6.89 25.25
C LEU E 240 -51.33 8.14 24.89
N ARG E 241 -51.45 8.46 23.61
CA ARG E 241 -52.25 9.61 23.17
C ARG E 241 -53.36 9.19 22.20
N THR E 242 -53.77 7.93 22.24
CA THR E 242 -54.82 7.45 21.34
C THR E 242 -56.23 7.81 21.80
N SER E 243 -56.39 8.25 23.05
CA SER E 243 -57.69 8.59 23.60
C SER E 243 -58.68 7.44 23.51
N THR E 251 -59.92 15.40 13.66
CA THR E 251 -59.13 16.32 12.86
C THR E 251 -57.94 16.85 13.63
N LYS E 252 -57.84 16.46 14.90
CA LYS E 252 -56.75 16.89 15.77
C LYS E 252 -55.61 15.89 15.66
N CYS E 253 -54.40 16.40 15.44
CA CYS E 253 -53.22 15.56 15.28
C CYS E 253 -52.02 16.25 15.93
N PHE E 254 -51.03 15.41 16.27
CA PHE E 254 -49.76 15.88 16.85
C PHE E 254 -49.98 16.64 18.15
N VAL E 255 -49.77 17.96 18.13
CA VAL E 255 -49.80 18.75 19.35
C VAL E 255 -51.21 18.77 19.95
N ASP E 256 -52.24 18.60 19.12
CA ASP E 256 -53.63 18.64 19.57
C ASP E 256 -54.16 17.27 19.99
N LEU E 257 -53.35 16.23 19.91
CA LEU E 257 -53.82 14.90 20.30
C LEU E 257 -54.07 14.85 21.80
N PRO E 258 -55.26 14.43 22.24
CA PRO E 258 -55.50 14.29 23.68
C PRO E 258 -54.66 13.17 24.28
N THR E 259 -54.35 13.33 25.56
CA THR E 259 -53.57 12.33 26.28
C THR E 259 -54.50 11.39 27.03
N ARG E 260 -54.18 10.09 26.98
CA ARG E 260 -55.00 9.08 27.63
C ARG E 260 -55.01 9.31 29.14
N ASN E 261 -56.16 9.04 29.75
CA ASN E 261 -56.32 9.20 31.20
C ASN E 261 -55.59 8.08 31.91
N VAL E 262 -54.34 8.36 32.31
CA VAL E 262 -53.49 7.38 32.98
C VAL E 262 -53.24 7.85 34.40
N ASN E 263 -53.20 6.90 35.33
CA ASN E 263 -52.97 7.24 36.74
C ASN E 263 -51.60 7.88 36.92
N LEU E 264 -51.53 8.82 37.86
CA LEU E 264 -50.29 9.54 38.11
C LEU E 264 -49.18 8.62 38.57
N ALA E 265 -49.51 7.65 39.43
CA ALA E 265 -48.50 6.71 39.91
C ALA E 265 -47.95 5.86 38.76
N GLN E 266 -48.81 5.40 37.87
CA GLN E 266 -48.35 4.63 36.72
C GLN E 266 -47.58 5.50 35.73
N SER E 267 -47.96 6.78 35.59
CA SER E 267 -47.27 7.66 34.66
C SER E 267 -45.83 7.91 35.09
N VAL E 268 -45.61 8.09 36.39
CA VAL E 268 -44.26 8.37 36.89
C VAL E 268 -43.33 7.19 36.61
N VAL E 269 -43.81 5.97 36.81
CA VAL E 269 -42.97 4.79 36.60
C VAL E 269 -42.51 4.72 35.15
N MET E 270 -43.43 4.95 34.20
CA MET E 270 -43.04 4.94 32.80
C MET E 270 -42.09 6.09 32.48
N MET E 271 -42.35 7.28 33.04
CA MET E 271 -41.47 8.42 32.81
C MET E 271 -40.08 8.17 33.39
N THR E 272 -40.02 7.58 34.58
CA THR E 272 -38.72 7.30 35.20
C THR E 272 -37.91 6.31 34.37
N ILE E 273 -38.55 5.24 33.90
CA ILE E 273 -37.85 4.25 33.10
C ILE E 273 -37.39 4.85 31.77
N GLY E 274 -38.26 5.64 31.13
CA GLY E 274 -37.89 6.23 29.86
C GLY E 274 -36.73 7.20 29.97
N GLU E 275 -36.67 7.96 31.06
CA GLU E 275 -35.58 8.89 31.26
C GLU E 275 -34.26 8.17 31.51
N LEU E 276 -34.29 7.10 32.32
CA LEU E 276 -33.06 6.41 32.68
C LEU E 276 -32.44 5.71 31.48
N ILE E 277 -33.24 4.95 30.72
CA ILE E 277 -32.71 4.20 29.59
C ILE E 277 -32.73 5.00 28.28
N GLY E 278 -33.32 6.19 28.28
CA GLY E 278 -33.38 6.98 27.08
C GLY E 278 -32.43 8.17 27.07
N PHE E 279 -32.25 8.79 28.24
CA PHE E 279 -31.35 9.93 28.36
C PHE E 279 -30.23 9.72 29.36
N VAL E 280 -30.55 9.23 30.56
CA VAL E 280 -29.54 9.15 31.63
C VAL E 280 -28.44 8.16 31.24
N THR E 281 -28.82 6.98 30.77
CA THR E 281 -27.83 6.00 30.32
C THR E 281 -27.01 6.50 29.13
N PRO E 282 -27.60 7.03 28.05
CA PRO E 282 -26.77 7.60 26.97
C PRO E 282 -25.88 8.74 27.44
N LEU E 283 -26.36 9.58 28.36
CA LEU E 283 -25.57 10.75 28.76
C LEU E 283 -24.30 10.33 29.49
N LEU E 284 -24.44 9.45 30.49
CA LEU E 284 -23.27 9.05 31.28
C LEU E 284 -22.25 8.33 30.43
N ILE E 285 -22.70 7.44 29.54
CA ILE E 285 -21.77 6.69 28.69
C ILE E 285 -21.02 7.64 27.76
N VAL E 286 -21.73 8.60 27.15
CA VAL E 286 -21.09 9.56 26.25
C VAL E 286 -20.09 10.42 27.02
N LEU E 287 -20.47 10.90 28.21
CA LEU E 287 -19.56 11.70 29.01
C LEU E 287 -18.36 10.88 29.46
N TYR E 288 -18.60 9.63 29.89
CA TYR E 288 -17.48 8.79 30.35
C TYR E 288 -16.54 8.44 29.20
N CYS E 289 -17.10 8.07 28.05
CA CYS E 289 -16.24 7.75 26.90
C CYS E 289 -15.47 8.98 26.42
N THR E 290 -16.13 10.14 26.38
CA THR E 290 -15.46 11.37 25.96
C THR E 290 -14.36 11.76 26.95
N TRP E 291 -14.61 11.57 28.25
CA TRP E 291 -13.63 12.00 29.25
C TRP E 291 -12.32 11.22 29.12
N LYS E 292 -12.42 9.89 29.00
CA LYS E 292 -11.22 9.07 28.90
C LYS E 292 -10.60 9.14 27.52
N THR E 293 -11.39 9.39 26.48
CA THR E 293 -10.82 9.55 25.15
C THR E 293 -10.02 10.85 25.03
N VAL E 294 -10.46 11.90 25.73
CA VAL E 294 -9.70 13.14 25.76
C VAL E 294 -8.36 12.93 26.44
N LEU E 295 -8.34 12.18 27.54
CA LEU E 295 -7.10 11.90 28.24
C LEU E 295 -6.14 11.10 27.37
N SER E 296 -6.67 10.11 26.63
CA SER E 296 -5.79 9.28 25.81
C SER E 296 -5.20 10.05 24.63
N LEU E 297 -5.89 11.11 24.20
CA LEU E 297 -5.39 11.96 23.11
C LEU E 297 -4.48 13.06 23.60
N GLN E 298 -4.25 13.17 24.91
CA GLN E 298 -3.31 14.13 25.48
C GLN E 298 -2.02 13.39 25.81
N ASP E 299 -0.98 13.62 25.02
CA ASP E 299 0.30 12.97 25.22
C ASP E 299 1.11 13.70 26.28
N LYS E 300 1.79 12.93 27.13
CA LYS E 300 2.65 13.53 28.14
C LYS E 300 3.79 14.31 27.49
N TYR E 301 4.38 13.77 26.44
CA TYR E 301 5.44 14.43 25.68
C TYR E 301 4.94 14.70 24.26
N PRO E 302 4.47 15.91 23.97
CA PRO E 302 3.96 16.19 22.63
C PRO E 302 5.05 16.14 21.57
N MET E 303 4.66 15.76 20.36
CA MET E 303 5.59 15.71 19.24
C MET E 303 5.73 17.09 18.60
N ALA E 304 6.98 17.46 18.30
CA ALA E 304 7.24 18.79 17.76
C ALA E 304 6.57 18.99 16.41
N GLN E 305 6.63 17.98 15.54
CA GLN E 305 6.06 18.05 14.19
C GLN E 305 4.77 17.24 14.09
N ASP E 306 3.99 17.23 15.18
CA ASP E 306 2.75 16.44 15.21
C ASP E 306 1.71 16.97 14.24
N LEU E 307 1.78 18.24 13.87
CA LEU E 307 0.81 18.92 13.00
C LEU E 307 -0.59 18.95 13.62
N GLY E 308 -0.67 18.79 14.94
CA GLY E 308 -1.94 18.89 15.64
C GLY E 308 -2.98 17.86 15.22
N GLU E 309 -2.54 16.64 14.90
CA GLU E 309 -3.48 15.59 14.51
C GLU E 309 -4.37 15.20 15.69
N LYS E 310 -3.78 15.01 16.87
CA LYS E 310 -4.57 14.66 18.05
C LYS E 310 -5.35 15.84 18.59
N GLN E 311 -4.82 17.06 18.45
CA GLN E 311 -5.52 18.23 18.95
C GLN E 311 -6.84 18.45 18.21
N LYS E 312 -6.84 18.27 16.88
CA LYS E 312 -8.07 18.39 16.13
C LYS E 312 -9.08 17.32 16.54
N ALA E 313 -8.61 16.09 16.77
CA ALA E 313 -9.50 15.04 17.26
C ALA E 313 -10.04 15.37 18.64
N LEU E 314 -9.19 15.93 19.52
CA LEU E 314 -9.63 16.28 20.86
C LEU E 314 -10.73 17.34 20.82
N LYS E 315 -10.58 18.36 19.98
CA LYS E 315 -11.62 19.38 19.85
C LYS E 315 -12.86 18.84 19.16
N MET E 316 -12.68 17.94 18.18
CA MET E 316 -13.82 17.35 17.51
C MET E 316 -14.65 16.48 18.47
N ILE E 317 -13.98 15.67 19.30
CA ILE E 317 -14.69 14.79 20.21
C ILE E 317 -15.42 15.59 21.29
N LEU E 318 -14.78 16.65 21.78
CA LEU E 318 -15.45 17.52 22.75
C LEU E 318 -16.66 18.20 22.13
N THR E 319 -16.53 18.63 20.87
CA THR E 319 -17.66 19.24 20.18
C THR E 319 -18.79 18.22 20.00
N CYS E 320 -18.46 16.98 19.68
CA CYS E 320 -19.47 15.94 19.53
C CYS E 320 -20.24 15.73 20.83
N ALA E 321 -19.55 15.69 21.97
CA ALA E 321 -20.23 15.52 23.24
C ALA E 321 -20.93 16.80 23.67
N GLY E 322 -20.41 17.97 23.26
CA GLY E 322 -21.06 19.22 23.61
C GLY E 322 -22.41 19.38 22.95
N VAL E 323 -22.51 19.05 21.67
CA VAL E 323 -23.78 19.14 20.96
C VAL E 323 -24.79 18.16 21.55
N PHE E 324 -24.32 16.99 21.96
CA PHE E 324 -25.20 16.00 22.59
C PHE E 324 -25.82 16.55 23.87
N LEU E 325 -25.03 17.23 24.69
CA LEU E 325 -25.53 17.78 25.94
C LEU E 325 -26.42 19.00 25.68
N ILE E 326 -26.06 19.85 24.72
CA ILE E 326 -26.82 21.06 24.46
C ILE E 326 -28.19 20.72 23.88
N CYS E 327 -28.27 19.70 23.03
CA CYS E 327 -29.51 19.41 22.33
C CYS E 327 -30.48 18.59 23.16
N PHE E 328 -30.06 17.41 23.61
CA PHE E 328 -31.00 16.45 24.18
C PHE E 328 -31.30 16.70 25.66
N ALA E 329 -30.35 17.25 26.41
CA ALA E 329 -30.58 17.46 27.84
C ALA E 329 -31.74 18.41 28.14
N PRO E 330 -31.87 19.58 27.50
CA PRO E 330 -33.04 20.42 27.78
C PRO E 330 -34.37 19.75 27.47
N TYR E 331 -34.42 18.90 26.43
CA TYR E 331 -35.67 18.22 26.11
C TYR E 331 -36.09 17.28 27.23
N HIS E 332 -35.14 16.55 27.81
CA HIS E 332 -35.47 15.56 28.83
C HIS E 332 -35.63 16.16 30.22
N PHE E 333 -35.29 17.44 30.40
CA PHE E 333 -35.60 18.13 31.64
C PHE E 333 -36.99 18.75 31.65
N SER E 334 -37.66 18.82 30.49
CA SER E 334 -39.01 19.32 30.39
C SER E 334 -40.03 18.25 30.01
N PHE E 335 -39.59 17.16 29.39
CA PHE E 335 -40.51 16.10 28.99
C PHE E 335 -41.28 15.51 30.16
N PRO E 336 -40.67 15.16 31.29
CA PRO E 336 -41.49 14.75 32.45
C PRO E 336 -42.44 15.83 32.93
N LEU E 337 -42.02 17.10 32.87
CA LEU E 337 -42.89 18.18 33.30
C LEU E 337 -44.00 18.45 32.29
N ASP E 338 -43.68 18.37 31.00
CA ASP E 338 -44.68 18.64 29.97
C ASP E 338 -45.79 17.58 29.98
N PHE E 339 -45.44 16.32 30.28
CA PHE E 339 -46.44 15.27 30.30
C PHE E 339 -47.47 15.52 31.41
N LEU E 340 -47.03 16.06 32.54
CA LEU E 340 -47.96 16.40 33.62
C LEU E 340 -48.92 17.50 33.20
N VAL E 341 -48.45 18.44 32.36
CA VAL E 341 -49.33 19.50 31.88
C VAL E 341 -50.44 18.93 31.00
N LYS E 342 -50.10 17.96 30.15
CA LYS E 342 -51.12 17.33 29.31
C LYS E 342 -52.16 16.60 30.17
N SER E 343 -51.72 15.97 31.25
CA SER E 343 -52.63 15.27 32.15
C SER E 343 -53.31 16.20 33.16
N ASN E 344 -52.98 17.49 33.13
CA ASN E 344 -53.58 18.49 34.02
C ASN E 344 -53.32 18.15 35.50
N GLU E 345 -52.19 17.52 35.79
CA GLU E 345 -51.86 17.21 37.17
C GLU E 345 -51.40 18.43 37.94
N ILE E 346 -50.66 19.32 37.29
CA ILE E 346 -50.17 20.53 37.97
C ILE E 346 -51.32 21.46 38.29
N LYS E 347 -52.20 21.69 37.31
CA LYS E 347 -53.39 22.53 37.49
C LYS E 347 -53.02 23.94 37.97
N SER E 348 -51.93 24.48 37.43
CA SER E 348 -51.49 25.84 37.73
C SER E 348 -51.50 26.67 36.46
N CYS E 349 -52.18 27.82 36.51
CA CYS E 349 -52.31 28.66 35.33
C CYS E 349 -50.96 29.22 34.90
N LEU E 350 -50.15 29.68 35.85
CA LEU E 350 -48.86 30.28 35.52
C LEU E 350 -47.88 29.22 34.99
N ALA E 351 -47.85 28.05 35.63
CA ALA E 351 -46.90 27.03 35.22
C ALA E 351 -47.30 26.37 33.90
N ARG E 352 -48.60 26.36 33.59
CA ARG E 352 -49.07 25.71 32.36
C ARG E 352 -48.50 26.39 31.13
N ARG E 353 -48.50 27.73 31.11
CA ARG E 353 -48.00 28.46 29.95
C ARG E 353 -46.49 28.34 29.84
N VAL E 354 -45.78 28.41 30.98
CA VAL E 354 -44.33 28.42 30.94
C VAL E 354 -43.77 27.09 30.46
N ILE E 355 -44.29 25.98 31.02
CA ILE E 355 -43.75 24.66 30.71
C ILE E 355 -43.98 24.32 29.24
N LEU E 356 -45.19 24.61 28.73
CA LEU E 356 -45.50 24.28 27.34
C LEU E 356 -44.60 25.05 26.38
N ILE E 357 -44.35 26.34 26.65
CA ILE E 357 -43.46 27.12 25.80
C ILE E 357 -42.03 26.65 25.97
N PHE E 358 -41.61 26.38 27.21
CA PHE E 358 -40.24 25.91 27.44
C PHE E 358 -40.01 24.56 26.77
N HIS E 359 -40.98 23.65 26.87
CA HIS E 359 -40.84 22.36 26.22
C HIS E 359 -40.88 22.50 24.70
N SER E 360 -41.62 23.50 24.18
CA SER E 360 -41.64 23.74 22.75
C SER E 360 -40.26 24.13 22.24
N VAL E 361 -39.56 25.00 22.98
CA VAL E 361 -38.20 25.36 22.59
C VAL E 361 -37.28 24.15 22.70
N ALA E 362 -37.40 23.40 23.80
CA ALA E 362 -36.53 22.23 24.00
C ALA E 362 -36.75 21.18 22.92
N LEU E 363 -38.01 20.94 22.56
CA LEU E 363 -38.30 19.97 21.50
C LEU E 363 -37.74 20.44 20.17
N CYS E 364 -37.86 21.74 19.88
CA CYS E 364 -37.26 22.28 18.66
C CYS E 364 -35.73 22.20 18.73
N LEU E 365 -35.17 22.48 19.90
CA LEU E 365 -33.72 22.37 20.06
C LEU E 365 -33.24 20.95 19.85
N ALA E 366 -33.98 19.97 20.37
CA ALA E 366 -33.62 18.57 20.14
C ALA E 366 -33.77 18.18 18.68
N SER E 367 -34.69 18.83 17.95
CA SER E 367 -34.84 18.57 16.54
C SER E 367 -33.69 19.10 15.71
N LEU E 368 -32.96 20.09 16.23
CA LEU E 368 -31.78 20.61 15.54
C LEU E 368 -30.70 19.55 15.36
N ASN E 369 -30.69 18.52 16.20
CA ASN E 369 -29.69 17.47 16.08
C ASN E 369 -29.83 16.70 14.77
N SER E 370 -30.97 16.81 14.09
CA SER E 370 -31.12 16.18 12.78
C SER E 370 -30.18 16.78 11.76
N CYS E 371 -29.99 18.10 11.80
CA CYS E 371 -29.13 18.79 10.86
C CYS E 371 -27.74 19.10 11.40
N LEU E 372 -27.58 19.17 12.72
CA LEU E 372 -26.27 19.45 13.29
C LEU E 372 -25.35 18.24 13.21
N ASP E 373 -25.93 17.03 13.23
CA ASP E 373 -25.11 15.82 13.16
C ASP E 373 -24.28 15.73 11.88
N PRO E 374 -24.82 15.99 10.68
CA PRO E 374 -23.95 15.97 9.49
C PRO E 374 -22.79 16.96 9.57
N VAL E 375 -23.00 18.14 10.13
CA VAL E 375 -21.92 19.12 10.23
C VAL E 375 -20.88 18.65 11.25
N ILE E 376 -21.33 18.18 12.41
CA ILE E 376 -20.41 17.80 13.47
C ILE E 376 -19.68 16.52 13.11
N TYR E 377 -20.40 15.52 12.60
CA TYR E 377 -19.84 14.19 12.40
C TYR E 377 -19.38 13.93 10.97
N TYR E 378 -20.16 14.31 9.96
CA TYR E 378 -19.87 13.89 8.60
C TYR E 378 -18.98 14.89 7.86
N PHE E 379 -19.40 16.16 7.79
CA PHE E 379 -18.66 17.14 7.01
C PHE E 379 -17.45 17.70 7.73
N SER E 380 -17.27 17.38 9.00
CA SER E 380 -16.05 17.76 9.72
C SER E 380 -14.88 16.83 9.44
N THR E 381 -15.13 15.68 8.83
CA THR E 381 -14.09 14.70 8.55
C THR E 381 -13.40 15.03 7.23
N ASN E 382 -12.06 14.98 7.24
CA ASN E 382 -11.29 15.23 6.03
C ASN E 382 -11.49 14.17 4.95
N GLU E 383 -11.98 12.98 5.32
CA GLU E 383 -12.32 11.98 4.32
C GLU E 383 -13.47 12.46 3.45
N PHE E 384 -14.46 13.14 4.03
CA PHE E 384 -15.57 13.65 3.26
C PHE E 384 -15.12 14.69 2.24
N ARG E 385 -14.17 15.55 2.64
CA ARG E 385 -13.67 16.57 1.72
C ARG E 385 -13.00 15.94 0.51
N ARG E 386 -12.24 14.86 0.72
CA ARG E 386 -11.62 14.16 -0.41
C ARG E 386 -12.68 13.58 -1.35
N ARG E 387 -13.73 12.98 -0.79
CA ARG E 387 -14.79 12.42 -1.62
C ARG E 387 -15.53 13.51 -2.40
N LEU E 388 -15.84 14.63 -1.73
CA LEU E 388 -16.52 15.72 -2.40
C LEU E 388 -15.62 16.37 -3.46
N SER E 389 -14.34 16.54 -3.15
CA SER E 389 -13.40 17.14 -4.08
C SER E 389 -12.42 16.11 -4.63
#